data_1BUF
# 
_entry.id   1BUF 
# 
_audit_conform.dict_name       mmcif_pdbx.dic 
_audit_conform.dict_version    5.392 
_audit_conform.dict_location   http://mmcif.pdb.org/dictionaries/ascii/mmcif_pdbx.dic 
# 
loop_
_database_2.database_id 
_database_2.database_code 
_database_2.pdbx_database_accession 
_database_2.pdbx_DOI 
PDB   1BUF         pdb_00001buf 10.2210/pdb1buf/pdb 
WWPDB D_1000172094 ?            ?                   
# 
loop_
_pdbx_audit_revision_history.ordinal 
_pdbx_audit_revision_history.data_content_type 
_pdbx_audit_revision_history.major_revision 
_pdbx_audit_revision_history.minor_revision 
_pdbx_audit_revision_history.revision_date 
1 'Structure model' 1 0 1997-01-27 
2 'Structure model' 1 1 2008-03-24 
3 'Structure model' 1 2 2011-07-13 
4 'Structure model' 1 3 2022-02-16 
5 'Structure model' 1 4 2024-05-22 
# 
_pdbx_audit_revision_details.ordinal             1 
_pdbx_audit_revision_details.revision_ordinal    1 
_pdbx_audit_revision_details.data_content_type   'Structure model' 
_pdbx_audit_revision_details.provider            repository 
_pdbx_audit_revision_details.type                'Initial release' 
_pdbx_audit_revision_details.description         ? 
_pdbx_audit_revision_details.details             ? 
# 
loop_
_pdbx_audit_revision_group.ordinal 
_pdbx_audit_revision_group.revision_ordinal 
_pdbx_audit_revision_group.data_content_type 
_pdbx_audit_revision_group.group 
1 2 'Structure model' 'Version format compliance' 
2 3 'Structure model' 'Version format compliance' 
3 4 'Structure model' 'Data collection'           
4 4 'Structure model' 'Database references'       
5 4 'Structure model' 'Derived calculations'      
6 4 'Structure model' Other                       
7 5 'Structure model' 'Data collection'           
# 
loop_
_pdbx_audit_revision_category.ordinal 
_pdbx_audit_revision_category.revision_ordinal 
_pdbx_audit_revision_category.data_content_type 
_pdbx_audit_revision_category.category 
1 4 'Structure model' database_2            
2 4 'Structure model' pdbx_database_status  
3 4 'Structure model' pdbx_nmr_software     
4 4 'Structure model' pdbx_struct_assembly  
5 4 'Structure model' pdbx_struct_oper_list 
6 5 'Structure model' chem_comp_atom        
7 5 'Structure model' chem_comp_bond        
# 
loop_
_pdbx_audit_revision_item.ordinal 
_pdbx_audit_revision_item.revision_ordinal 
_pdbx_audit_revision_item.data_content_type 
_pdbx_audit_revision_item.item 
1 4 'Structure model' '_database_2.pdbx_DOI'                
2 4 'Structure model' '_database_2.pdbx_database_accession' 
3 4 'Structure model' '_pdbx_database_status.process_site'  
4 4 'Structure model' '_pdbx_nmr_software.name'             
# 
_pdbx_database_status.status_code                     REL 
_pdbx_database_status.entry_id                        1BUF 
_pdbx_database_status.recvd_initial_deposition_date   1996-06-24 
_pdbx_database_status.deposit_site                    ? 
_pdbx_database_status.process_site                    BNL 
_pdbx_database_status.status_code_sf                  ? 
_pdbx_database_status.status_code_mr                  REL 
_pdbx_database_status.SG_entry                        ? 
_pdbx_database_status.pdb_format_compatible           Y 
_pdbx_database_status.status_code_cs                  ? 
_pdbx_database_status.status_code_nmr_data            ? 
_pdbx_database_status.methods_development_category    ? 
# 
loop_
_pdbx_database_related.db_name 
_pdbx_database_related.db_id 
_pdbx_database_related.details 
_pdbx_database_related.content_type 
PDB 1UQA 'MINIMIZED AVERAGE STRUCTURE' unspecified 
PDB 1UQB 'MINIMIZED AVERAGE STRUCTURE' unspecified 
PDB 1UQC 'MINIMIZED AVERAGE STRUCTURE' unspecified 
PDB 1UQD 'MINIMIZED AVERAGE STRUCTURE' unspecified 
PDB 1UQE 'MINIMIZED AVERAGE STRUCTURE' unspecified 
PDB 1UQF 'MINIMIZED AVERAGE STRUCTURE' unspecified 
PDB 1UQG 'MINIMIZED AVERAGE STRUCTURE' unspecified 
# 
loop_
_audit_author.name 
_audit_author.pdbx_ordinal 
'Lam, S.L.'        1 
'Au-Yeung, S.C.F.' 2 
# 
_citation.id                        primary 
_citation.title                     
;Sequence-specific local structural variations in solution structures of d(CGXX'CG)2 and d(CAXX'TG)2 self-complementary deoxyribonucleic acids.
;
_citation.journal_abbrev            J.Mol.Biol. 
_citation.journal_volume            266 
_citation.page_first                745 
_citation.page_last                 760 
_citation.year                      1997 
_citation.journal_id_ASTM           JMOBAK 
_citation.country                   UK 
_citation.journal_id_ISSN           0022-2836 
_citation.journal_id_CSD            0070 
_citation.book_publisher            ? 
_citation.pdbx_database_id_PubMed   9102467 
_citation.pdbx_database_id_DOI      10.1006/jmbi.1996.0783 
# 
loop_
_citation_author.citation_id 
_citation_author.name 
_citation_author.ordinal 
_citation_author.identifier_ORCID 
primary 'Lam, S.L.'      1 ? 
primary 'Au-Yeung, S.C.' 2 ? 
# 
_entity.id                         1 
_entity.type                       polymer 
_entity.src_method                 syn 
_entity.pdbx_description           
;DNA (5'-D(*CP*AP*AP*TP*TP*G)-3')
;
_entity.formula_weight             1808.229 
_entity.pdbx_number_of_molecules   2 
_entity.pdbx_ec                    ? 
_entity.pdbx_mutation              ? 
_entity.pdbx_fragment              ? 
_entity.details                    ? 
# 
_entity_poly.entity_id                      1 
_entity_poly.type                           polydeoxyribonucleotide 
_entity_poly.nstd_linkage                   no 
_entity_poly.nstd_monomer                   no 
_entity_poly.pdbx_seq_one_letter_code       '(DC)(DA)(DA)(DT)(DT)(DG)' 
_entity_poly.pdbx_seq_one_letter_code_can   CAATTG 
_entity_poly.pdbx_strand_id                 A,B 
_entity_poly.pdbx_target_identifier         ? 
# 
loop_
_entity_poly_seq.entity_id 
_entity_poly_seq.num 
_entity_poly_seq.mon_id 
_entity_poly_seq.hetero 
1 1 DC n 
1 2 DA n 
1 3 DA n 
1 4 DT n 
1 5 DT n 
1 6 DG n 
# 
loop_
_chem_comp.id 
_chem_comp.type 
_chem_comp.mon_nstd_flag 
_chem_comp.name 
_chem_comp.pdbx_synonyms 
_chem_comp.formula 
_chem_comp.formula_weight 
DA 'DNA linking' y "2'-DEOXYADENOSINE-5'-MONOPHOSPHATE" ? 'C10 H14 N5 O6 P' 331.222 
DC 'DNA linking' y "2'-DEOXYCYTIDINE-5'-MONOPHOSPHATE"  ? 'C9 H14 N3 O7 P'  307.197 
DG 'DNA linking' y "2'-DEOXYGUANOSINE-5'-MONOPHOSPHATE" ? 'C10 H14 N5 O7 P' 347.221 
DT 'DNA linking' y "THYMIDINE-5'-MONOPHOSPHATE"         ? 'C10 H15 N2 O8 P' 322.208 
# 
loop_
_pdbx_poly_seq_scheme.asym_id 
_pdbx_poly_seq_scheme.entity_id 
_pdbx_poly_seq_scheme.seq_id 
_pdbx_poly_seq_scheme.mon_id 
_pdbx_poly_seq_scheme.ndb_seq_num 
_pdbx_poly_seq_scheme.pdb_seq_num 
_pdbx_poly_seq_scheme.auth_seq_num 
_pdbx_poly_seq_scheme.pdb_mon_id 
_pdbx_poly_seq_scheme.auth_mon_id 
_pdbx_poly_seq_scheme.pdb_strand_id 
_pdbx_poly_seq_scheme.pdb_ins_code 
_pdbx_poly_seq_scheme.hetero 
A 1 1 DC 1 1  1  DC C A . n 
A 1 2 DA 2 2  2  DA A A . n 
A 1 3 DA 3 3  3  DA A A . n 
A 1 4 DT 4 4  4  DT T A . n 
A 1 5 DT 5 5  5  DT T A . n 
A 1 6 DG 6 6  6  DG G A . n 
B 1 1 DC 1 7  7  DC C B . n 
B 1 2 DA 2 8  8  DA A B . n 
B 1 3 DA 3 9  9  DA A B . n 
B 1 4 DT 4 10 10 DT T B . n 
B 1 5 DT 5 11 11 DT T B . n 
B 1 6 DG 6 12 12 DG G B . n 
# 
_software.name             AMBER 
_software.classification   refinement 
_software.version          . 
_software.citation_id      ? 
_software.pdbx_ordinal     1 
# 
_cell.entry_id           1BUF 
_cell.length_a           1.000 
_cell.length_b           1.000 
_cell.length_c           1.000 
_cell.angle_alpha        90.00 
_cell.angle_beta         90.00 
_cell.angle_gamma        90.00 
_cell.Z_PDB              1 
_cell.pdbx_unique_axis   ? 
# 
_symmetry.entry_id                         1BUF 
_symmetry.space_group_name_H-M             'P 1' 
_symmetry.pdbx_full_space_group_name_H-M   ? 
_symmetry.cell_setting                     ? 
_symmetry.Int_Tables_number                1 
# 
_exptl.entry_id          1BUF 
_exptl.method            'SOLUTION NMR' 
_exptl.crystals_number   ? 
# 
_struct.entry_id                  1BUF 
_struct.title                     
;SELF-COMPLEMENTARY DNA 5'-D(CAATTG)2, NMR, MINIMIZED AVERAGE STRUCTURE
;
_struct.pdbx_model_details        ? 
_struct.pdbx_CASP_flag            ? 
_struct.pdbx_model_type_details   ? 
# 
_struct_keywords.entry_id        1BUF 
_struct_keywords.pdbx_keywords   DNA 
_struct_keywords.text            'DEOXYRIBONUCLEIC ACID, DNA' 
# 
loop_
_struct_asym.id 
_struct_asym.pdbx_blank_PDB_chainid_flag 
_struct_asym.pdbx_modified 
_struct_asym.entity_id 
_struct_asym.details 
A N N 1 ? 
B N N 1 ? 
# 
_struct_ref.id                         1 
_struct_ref.entity_id                  1 
_struct_ref.db_name                    PDB 
_struct_ref.db_code                    1BUF 
_struct_ref.pdbx_db_accession          1BUF 
_struct_ref.pdbx_db_isoform            ? 
_struct_ref.pdbx_seq_one_letter_code   ? 
_struct_ref.pdbx_align_begin           ? 
# 
loop_
_struct_ref_seq.align_id 
_struct_ref_seq.ref_id 
_struct_ref_seq.pdbx_PDB_id_code 
_struct_ref_seq.pdbx_strand_id 
_struct_ref_seq.seq_align_beg 
_struct_ref_seq.pdbx_seq_align_beg_ins_code 
_struct_ref_seq.seq_align_end 
_struct_ref_seq.pdbx_seq_align_end_ins_code 
_struct_ref_seq.pdbx_db_accession 
_struct_ref_seq.db_align_beg 
_struct_ref_seq.pdbx_db_align_beg_ins_code 
_struct_ref_seq.db_align_end 
_struct_ref_seq.pdbx_db_align_end_ins_code 
_struct_ref_seq.pdbx_auth_seq_align_beg 
_struct_ref_seq.pdbx_auth_seq_align_end 
1 1 1BUF A 1 ? 6 ? 1BUF 1 ? 6  ? 1 6  
2 1 1BUF B 1 ? 6 ? 1BUF 7 ? 12 ? 7 12 
# 
_pdbx_struct_assembly.id                   1 
_pdbx_struct_assembly.details              author_defined_assembly 
_pdbx_struct_assembly.method_details       ? 
_pdbx_struct_assembly.oligomeric_details   dimeric 
_pdbx_struct_assembly.oligomeric_count     2 
# 
_pdbx_struct_assembly_gen.assembly_id       1 
_pdbx_struct_assembly_gen.oper_expression   1 
_pdbx_struct_assembly_gen.asym_id_list      A,B 
# 
_pdbx_struct_oper_list.id                   1 
_pdbx_struct_oper_list.type                 'identity operation' 
_pdbx_struct_oper_list.name                 1_555 
_pdbx_struct_oper_list.symmetry_operation   x,y,z 
_pdbx_struct_oper_list.matrix[1][1]         1.0000000000 
_pdbx_struct_oper_list.matrix[1][2]         0.0000000000 
_pdbx_struct_oper_list.matrix[1][3]         0.0000000000 
_pdbx_struct_oper_list.vector[1]            0.0000000000 
_pdbx_struct_oper_list.matrix[2][1]         0.0000000000 
_pdbx_struct_oper_list.matrix[2][2]         1.0000000000 
_pdbx_struct_oper_list.matrix[2][3]         0.0000000000 
_pdbx_struct_oper_list.vector[2]            0.0000000000 
_pdbx_struct_oper_list.matrix[3][1]         0.0000000000 
_pdbx_struct_oper_list.matrix[3][2]         0.0000000000 
_pdbx_struct_oper_list.matrix[3][3]         1.0000000000 
_pdbx_struct_oper_list.vector[3]            0.0000000000 
# 
_struct_biol.id   1 
# 
loop_
_struct_conn.id 
_struct_conn.conn_type_id 
_struct_conn.pdbx_leaving_atom_flag 
_struct_conn.pdbx_PDB_id 
_struct_conn.ptnr1_label_asym_id 
_struct_conn.ptnr1_label_comp_id 
_struct_conn.ptnr1_label_seq_id 
_struct_conn.ptnr1_label_atom_id 
_struct_conn.pdbx_ptnr1_label_alt_id 
_struct_conn.pdbx_ptnr1_PDB_ins_code 
_struct_conn.pdbx_ptnr1_standard_comp_id 
_struct_conn.ptnr1_symmetry 
_struct_conn.ptnr2_label_asym_id 
_struct_conn.ptnr2_label_comp_id 
_struct_conn.ptnr2_label_seq_id 
_struct_conn.ptnr2_label_atom_id 
_struct_conn.pdbx_ptnr2_label_alt_id 
_struct_conn.pdbx_ptnr2_PDB_ins_code 
_struct_conn.ptnr1_auth_asym_id 
_struct_conn.ptnr1_auth_comp_id 
_struct_conn.ptnr1_auth_seq_id 
_struct_conn.ptnr2_auth_asym_id 
_struct_conn.ptnr2_auth_comp_id 
_struct_conn.ptnr2_auth_seq_id 
_struct_conn.ptnr2_symmetry 
_struct_conn.pdbx_ptnr3_label_atom_id 
_struct_conn.pdbx_ptnr3_label_seq_id 
_struct_conn.pdbx_ptnr3_label_comp_id 
_struct_conn.pdbx_ptnr3_label_asym_id 
_struct_conn.pdbx_ptnr3_label_alt_id 
_struct_conn.pdbx_ptnr3_PDB_ins_code 
_struct_conn.details 
_struct_conn.pdbx_dist_value 
_struct_conn.pdbx_value_order 
_struct_conn.pdbx_role 
hydrog1  hydrog ? ? A DC 1 N3 ? ? ? 1_555 B DG 6 N1 ? ? A DC 1 B DG 12 1_555 ? ? ? ? ? ? WATSON-CRICK ? ? ? 
hydrog2  hydrog ? ? A DC 1 N4 ? ? ? 1_555 B DG 6 O6 ? ? A DC 1 B DG 12 1_555 ? ? ? ? ? ? WATSON-CRICK ? ? ? 
hydrog3  hydrog ? ? A DC 1 O2 ? ? ? 1_555 B DG 6 N2 ? ? A DC 1 B DG 12 1_555 ? ? ? ? ? ? WATSON-CRICK ? ? ? 
hydrog4  hydrog ? ? A DA 2 N1 ? ? ? 1_555 B DT 5 N3 ? ? A DA 2 B DT 11 1_555 ? ? ? ? ? ? WATSON-CRICK ? ? ? 
hydrog5  hydrog ? ? A DA 2 N6 ? ? ? 1_555 B DT 5 O4 ? ? A DA 2 B DT 11 1_555 ? ? ? ? ? ? WATSON-CRICK ? ? ? 
hydrog6  hydrog ? ? A DA 3 N1 ? ? ? 1_555 B DT 4 N3 ? ? A DA 3 B DT 10 1_555 ? ? ? ? ? ? WATSON-CRICK ? ? ? 
hydrog7  hydrog ? ? A DA 3 N6 ? ? ? 1_555 B DT 4 O4 ? ? A DA 3 B DT 10 1_555 ? ? ? ? ? ? WATSON-CRICK ? ? ? 
hydrog8  hydrog ? ? A DT 4 N3 ? ? ? 1_555 B DA 3 N1 ? ? A DT 4 B DA 9  1_555 ? ? ? ? ? ? WATSON-CRICK ? ? ? 
hydrog9  hydrog ? ? A DT 4 O4 ? ? ? 1_555 B DA 3 N6 ? ? A DT 4 B DA 9  1_555 ? ? ? ? ? ? WATSON-CRICK ? ? ? 
hydrog10 hydrog ? ? A DT 5 N3 ? ? ? 1_555 B DA 2 N1 ? ? A DT 5 B DA 8  1_555 ? ? ? ? ? ? WATSON-CRICK ? ? ? 
hydrog11 hydrog ? ? A DT 5 O4 ? ? ? 1_555 B DA 2 N6 ? ? A DT 5 B DA 8  1_555 ? ? ? ? ? ? WATSON-CRICK ? ? ? 
hydrog12 hydrog ? ? A DG 6 N1 ? ? ? 1_555 B DC 1 N3 ? ? A DG 6 B DC 7  1_555 ? ? ? ? ? ? WATSON-CRICK ? ? ? 
hydrog13 hydrog ? ? A DG 6 N2 ? ? ? 1_555 B DC 1 O2 ? ? A DG 6 B DC 7  1_555 ? ? ? ? ? ? WATSON-CRICK ? ? ? 
hydrog14 hydrog ? ? A DG 6 O6 ? ? ? 1_555 B DC 1 N4 ? ? A DG 6 B DC 7  1_555 ? ? ? ? ? ? WATSON-CRICK ? ? ? 
# 
_struct_conn_type.id          hydrog 
_struct_conn_type.criteria    ? 
_struct_conn_type.reference   ? 
# 
loop_
_pdbx_validate_rmsd_angle.id 
_pdbx_validate_rmsd_angle.PDB_model_num 
_pdbx_validate_rmsd_angle.auth_atom_id_1 
_pdbx_validate_rmsd_angle.auth_asym_id_1 
_pdbx_validate_rmsd_angle.auth_comp_id_1 
_pdbx_validate_rmsd_angle.auth_seq_id_1 
_pdbx_validate_rmsd_angle.PDB_ins_code_1 
_pdbx_validate_rmsd_angle.label_alt_id_1 
_pdbx_validate_rmsd_angle.auth_atom_id_2 
_pdbx_validate_rmsd_angle.auth_asym_id_2 
_pdbx_validate_rmsd_angle.auth_comp_id_2 
_pdbx_validate_rmsd_angle.auth_seq_id_2 
_pdbx_validate_rmsd_angle.PDB_ins_code_2 
_pdbx_validate_rmsd_angle.label_alt_id_2 
_pdbx_validate_rmsd_angle.auth_atom_id_3 
_pdbx_validate_rmsd_angle.auth_asym_id_3 
_pdbx_validate_rmsd_angle.auth_comp_id_3 
_pdbx_validate_rmsd_angle.auth_seq_id_3 
_pdbx_validate_rmsd_angle.PDB_ins_code_3 
_pdbx_validate_rmsd_angle.label_alt_id_3 
_pdbx_validate_rmsd_angle.angle_value 
_pdbx_validate_rmsd_angle.angle_target_value 
_pdbx_validate_rmsd_angle.angle_deviation 
_pdbx_validate_rmsd_angle.angle_standard_deviation 
_pdbx_validate_rmsd_angle.linker_flag 
1  1 "O4'" A DC 1  ? ? "C4'" A DC 1  ? ? "C3'" A DC 1  ? ? 110.19 106.00 4.19  0.60 N 
2  1 "O4'" A DC 1  ? ? "C1'" A DC 1  ? ? N1    A DC 1  ? ? 111.12 108.30 2.82  0.30 N 
3  1 "O4'" A DT 4  ? ? "C4'" A DT 4  ? ? "C3'" A DT 4  ? ? 110.99 106.00 4.99  0.60 N 
4  1 "C5'" A DT 4  ? ? "C4'" A DT 4  ? ? "O4'" A DT 4  ? ? 118.70 109.80 8.90  1.10 N 
5  1 "O4'" A DT 4  ? ? "C1'" A DT 4  ? ? N1    A DT 4  ? ? 113.07 108.30 4.77  0.30 N 
6  1 "O4'" A DT 5  ? ? "C1'" A DT 5  ? ? "C2'" A DT 5  ? ? 111.60 106.80 4.80  0.50 N 
7  1 N1    A DT 5  ? ? "C1'" A DT 5  ? ? "C2'" A DT 5  ? ? 124.15 114.30 9.85  1.40 N 
8  1 "O4'" A DT 5  ? ? "C1'" A DT 5  ? ? N1    A DT 5  ? ? 120.30 108.30 12.00 0.30 N 
9  1 C6    A DT 5  ? ? C5    A DT 5  ? ? C7    A DT 5  ? ? 118.91 122.90 -3.99 0.60 N 
10 1 "O4'" A DG 6  ? ? "C1'" A DG 6  ? ? "C2'" A DG 6  ? ? 110.33 106.80 3.53  0.50 N 
11 1 "O4'" A DG 6  ? ? "C1'" A DG 6  ? ? N9    A DG 6  ? ? 112.49 108.30 4.19  0.30 N 
12 1 "O4'" B DC 7  ? ? "C4'" B DC 7  ? ? "C3'" B DC 7  ? ? 110.31 106.00 4.31  0.60 N 
13 1 "O4'" B DC 7  ? ? "C1'" B DC 7  ? ? N1    B DC 7  ? ? 110.93 108.30 2.63  0.30 N 
14 1 "O4'" B DT 10 ? ? "C4'" B DT 10 ? ? "C3'" B DT 10 ? ? 111.02 106.00 5.02  0.60 N 
15 1 "C5'" B DT 10 ? ? "C4'" B DT 10 ? ? "O4'" B DT 10 ? ? 118.72 109.80 8.92  1.10 N 
16 1 "O4'" B DT 10 ? ? "C1'" B DT 10 ? ? N1    B DT 10 ? ? 113.01 108.30 4.71  0.30 N 
17 1 "O4'" B DT 11 ? ? "C1'" B DT 11 ? ? "C2'" B DT 11 ? ? 111.54 106.80 4.74  0.50 N 
18 1 N1    B DT 11 ? ? "C1'" B DT 11 ? ? "C2'" B DT 11 ? ? 124.12 114.30 9.82  1.40 N 
19 1 "O4'" B DT 11 ? ? "C1'" B DT 11 ? ? N1    B DT 11 ? ? 120.38 108.30 12.08 0.30 N 
20 1 C6    B DT 11 ? ? C5    B DT 11 ? ? C7    B DT 11 ? ? 118.95 122.90 -3.95 0.60 N 
21 1 "O4'" B DG 12 ? ? "C1'" B DG 12 ? ? "C2'" B DG 12 ? ? 110.34 106.80 3.54  0.50 N 
22 1 "O4'" B DG 12 ? ? "C1'" B DG 12 ? ? N9    B DG 12 ? ? 112.49 108.30 4.19  0.30 N 
# 
loop_
_pdbx_validate_planes.id 
_pdbx_validate_planes.PDB_model_num 
_pdbx_validate_planes.auth_comp_id 
_pdbx_validate_planes.auth_asym_id 
_pdbx_validate_planes.auth_seq_id 
_pdbx_validate_planes.PDB_ins_code 
_pdbx_validate_planes.label_alt_id 
_pdbx_validate_planes.rmsd 
_pdbx_validate_planes.type 
1 1 DA A 2  ? ? 0.082 'SIDE CHAIN' 
2 1 DG A 6  ? ? 0.102 'SIDE CHAIN' 
3 1 DA B 8  ? ? 0.081 'SIDE CHAIN' 
4 1 DG B 12 ? ? 0.102 'SIDE CHAIN' 
# 
_pdbx_nmr_ensemble.entry_id                             1BUF 
_pdbx_nmr_ensemble.conformers_calculated_total_number   ? 
_pdbx_nmr_ensemble.conformers_submitted_total_number    1 
_pdbx_nmr_ensemble.conformer_selection_criteria         ? 
# 
_pdbx_nmr_exptl_sample_conditions.conditions_id       1 
_pdbx_nmr_exptl_sample_conditions.temperature         283 
_pdbx_nmr_exptl_sample_conditions.pressure            ? 
_pdbx_nmr_exptl_sample_conditions.pH                  ? 
_pdbx_nmr_exptl_sample_conditions.ionic_strength      ? 
_pdbx_nmr_exptl_sample_conditions.pressure_units      . 
_pdbx_nmr_exptl_sample_conditions.temperature_units   K 
# 
_pdbx_nmr_details.entry_id   1BUF 
_pdbx_nmr_details.text       'IN 10 MM SODIUM PHOSPHATE BUFFER AT 10 DEGREES CELSIUS 6.1 MM DOUBLE STRANDED CONCENTRATION' 
# 
_pdbx_nmr_software.classification   refinement 
_pdbx_nmr_software.name             Amber 
_pdbx_nmr_software.version          4.0 
_pdbx_nmr_software.authors          'PEARLMAN,CASE,CALDWELL,SEIBEL,SINGH,WEINER, KOLLMAN' 
_pdbx_nmr_software.ordinal          1 
# 
loop_
_chem_comp_atom.comp_id 
_chem_comp_atom.atom_id 
_chem_comp_atom.type_symbol 
_chem_comp_atom.pdbx_aromatic_flag 
_chem_comp_atom.pdbx_stereo_config 
_chem_comp_atom.pdbx_ordinal 
DA OP3    O N N 1   
DA P      P N N 2   
DA OP1    O N N 3   
DA OP2    O N N 4   
DA "O5'"  O N N 5   
DA "C5'"  C N N 6   
DA "C4'"  C N R 7   
DA "O4'"  O N N 8   
DA "C3'"  C N S 9   
DA "O3'"  O N N 10  
DA "C2'"  C N N 11  
DA "C1'"  C N R 12  
DA N9     N Y N 13  
DA C8     C Y N 14  
DA N7     N Y N 15  
DA C5     C Y N 16  
DA C6     C Y N 17  
DA N6     N N N 18  
DA N1     N Y N 19  
DA C2     C Y N 20  
DA N3     N Y N 21  
DA C4     C Y N 22  
DA HOP3   H N N 23  
DA HOP2   H N N 24  
DA "H5'"  H N N 25  
DA "H5''" H N N 26  
DA "H4'"  H N N 27  
DA "H3'"  H N N 28  
DA "HO3'" H N N 29  
DA "H2'"  H N N 30  
DA "H2''" H N N 31  
DA "H1'"  H N N 32  
DA H8     H N N 33  
DA H61    H N N 34  
DA H62    H N N 35  
DA H2     H N N 36  
DC OP3    O N N 37  
DC P      P N N 38  
DC OP1    O N N 39  
DC OP2    O N N 40  
DC "O5'"  O N N 41  
DC "C5'"  C N N 42  
DC "C4'"  C N R 43  
DC "O4'"  O N N 44  
DC "C3'"  C N S 45  
DC "O3'"  O N N 46  
DC "C2'"  C N N 47  
DC "C1'"  C N R 48  
DC N1     N N N 49  
DC C2     C N N 50  
DC O2     O N N 51  
DC N3     N N N 52  
DC C4     C N N 53  
DC N4     N N N 54  
DC C5     C N N 55  
DC C6     C N N 56  
DC HOP3   H N N 57  
DC HOP2   H N N 58  
DC "H5'"  H N N 59  
DC "H5''" H N N 60  
DC "H4'"  H N N 61  
DC "H3'"  H N N 62  
DC "HO3'" H N N 63  
DC "H2'"  H N N 64  
DC "H2''" H N N 65  
DC "H1'"  H N N 66  
DC H41    H N N 67  
DC H42    H N N 68  
DC H5     H N N 69  
DC H6     H N N 70  
DG OP3    O N N 71  
DG P      P N N 72  
DG OP1    O N N 73  
DG OP2    O N N 74  
DG "O5'"  O N N 75  
DG "C5'"  C N N 76  
DG "C4'"  C N R 77  
DG "O4'"  O N N 78  
DG "C3'"  C N S 79  
DG "O3'"  O N N 80  
DG "C2'"  C N N 81  
DG "C1'"  C N R 82  
DG N9     N Y N 83  
DG C8     C Y N 84  
DG N7     N Y N 85  
DG C5     C Y N 86  
DG C6     C N N 87  
DG O6     O N N 88  
DG N1     N N N 89  
DG C2     C N N 90  
DG N2     N N N 91  
DG N3     N N N 92  
DG C4     C Y N 93  
DG HOP3   H N N 94  
DG HOP2   H N N 95  
DG "H5'"  H N N 96  
DG "H5''" H N N 97  
DG "H4'"  H N N 98  
DG "H3'"  H N N 99  
DG "HO3'" H N N 100 
DG "H2'"  H N N 101 
DG "H2''" H N N 102 
DG "H1'"  H N N 103 
DG H8     H N N 104 
DG H1     H N N 105 
DG H21    H N N 106 
DG H22    H N N 107 
DT OP3    O N N 108 
DT P      P N N 109 
DT OP1    O N N 110 
DT OP2    O N N 111 
DT "O5'"  O N N 112 
DT "C5'"  C N N 113 
DT "C4'"  C N R 114 
DT "O4'"  O N N 115 
DT "C3'"  C N S 116 
DT "O3'"  O N N 117 
DT "C2'"  C N N 118 
DT "C1'"  C N R 119 
DT N1     N N N 120 
DT C2     C N N 121 
DT O2     O N N 122 
DT N3     N N N 123 
DT C4     C N N 124 
DT O4     O N N 125 
DT C5     C N N 126 
DT C7     C N N 127 
DT C6     C N N 128 
DT HOP3   H N N 129 
DT HOP2   H N N 130 
DT "H5'"  H N N 131 
DT "H5''" H N N 132 
DT "H4'"  H N N 133 
DT "H3'"  H N N 134 
DT "HO3'" H N N 135 
DT "H2'"  H N N 136 
DT "H2''" H N N 137 
DT "H1'"  H N N 138 
DT H3     H N N 139 
DT H71    H N N 140 
DT H72    H N N 141 
DT H73    H N N 142 
DT H6     H N N 143 
# 
loop_
_chem_comp_bond.comp_id 
_chem_comp_bond.atom_id_1 
_chem_comp_bond.atom_id_2 
_chem_comp_bond.value_order 
_chem_comp_bond.pdbx_aromatic_flag 
_chem_comp_bond.pdbx_stereo_config 
_chem_comp_bond.pdbx_ordinal 
DA OP3   P      sing N N 1   
DA OP3   HOP3   sing N N 2   
DA P     OP1    doub N N 3   
DA P     OP2    sing N N 4   
DA P     "O5'"  sing N N 5   
DA OP2   HOP2   sing N N 6   
DA "O5'" "C5'"  sing N N 7   
DA "C5'" "C4'"  sing N N 8   
DA "C5'" "H5'"  sing N N 9   
DA "C5'" "H5''" sing N N 10  
DA "C4'" "O4'"  sing N N 11  
DA "C4'" "C3'"  sing N N 12  
DA "C4'" "H4'"  sing N N 13  
DA "O4'" "C1'"  sing N N 14  
DA "C3'" "O3'"  sing N N 15  
DA "C3'" "C2'"  sing N N 16  
DA "C3'" "H3'"  sing N N 17  
DA "O3'" "HO3'" sing N N 18  
DA "C2'" "C1'"  sing N N 19  
DA "C2'" "H2'"  sing N N 20  
DA "C2'" "H2''" sing N N 21  
DA "C1'" N9     sing N N 22  
DA "C1'" "H1'"  sing N N 23  
DA N9    C8     sing Y N 24  
DA N9    C4     sing Y N 25  
DA C8    N7     doub Y N 26  
DA C8    H8     sing N N 27  
DA N7    C5     sing Y N 28  
DA C5    C6     sing Y N 29  
DA C5    C4     doub Y N 30  
DA C6    N6     sing N N 31  
DA C6    N1     doub Y N 32  
DA N6    H61    sing N N 33  
DA N6    H62    sing N N 34  
DA N1    C2     sing Y N 35  
DA C2    N3     doub Y N 36  
DA C2    H2     sing N N 37  
DA N3    C4     sing Y N 38  
DC OP3   P      sing N N 39  
DC OP3   HOP3   sing N N 40  
DC P     OP1    doub N N 41  
DC P     OP2    sing N N 42  
DC P     "O5'"  sing N N 43  
DC OP2   HOP2   sing N N 44  
DC "O5'" "C5'"  sing N N 45  
DC "C5'" "C4'"  sing N N 46  
DC "C5'" "H5'"  sing N N 47  
DC "C5'" "H5''" sing N N 48  
DC "C4'" "O4'"  sing N N 49  
DC "C4'" "C3'"  sing N N 50  
DC "C4'" "H4'"  sing N N 51  
DC "O4'" "C1'"  sing N N 52  
DC "C3'" "O3'"  sing N N 53  
DC "C3'" "C2'"  sing N N 54  
DC "C3'" "H3'"  sing N N 55  
DC "O3'" "HO3'" sing N N 56  
DC "C2'" "C1'"  sing N N 57  
DC "C2'" "H2'"  sing N N 58  
DC "C2'" "H2''" sing N N 59  
DC "C1'" N1     sing N N 60  
DC "C1'" "H1'"  sing N N 61  
DC N1    C2     sing N N 62  
DC N1    C6     sing N N 63  
DC C2    O2     doub N N 64  
DC C2    N3     sing N N 65  
DC N3    C4     doub N N 66  
DC C4    N4     sing N N 67  
DC C4    C5     sing N N 68  
DC N4    H41    sing N N 69  
DC N4    H42    sing N N 70  
DC C5    C6     doub N N 71  
DC C5    H5     sing N N 72  
DC C6    H6     sing N N 73  
DG OP3   P      sing N N 74  
DG OP3   HOP3   sing N N 75  
DG P     OP1    doub N N 76  
DG P     OP2    sing N N 77  
DG P     "O5'"  sing N N 78  
DG OP2   HOP2   sing N N 79  
DG "O5'" "C5'"  sing N N 80  
DG "C5'" "C4'"  sing N N 81  
DG "C5'" "H5'"  sing N N 82  
DG "C5'" "H5''" sing N N 83  
DG "C4'" "O4'"  sing N N 84  
DG "C4'" "C3'"  sing N N 85  
DG "C4'" "H4'"  sing N N 86  
DG "O4'" "C1'"  sing N N 87  
DG "C3'" "O3'"  sing N N 88  
DG "C3'" "C2'"  sing N N 89  
DG "C3'" "H3'"  sing N N 90  
DG "O3'" "HO3'" sing N N 91  
DG "C2'" "C1'"  sing N N 92  
DG "C2'" "H2'"  sing N N 93  
DG "C2'" "H2''" sing N N 94  
DG "C1'" N9     sing N N 95  
DG "C1'" "H1'"  sing N N 96  
DG N9    C8     sing Y N 97  
DG N9    C4     sing Y N 98  
DG C8    N7     doub Y N 99  
DG C8    H8     sing N N 100 
DG N7    C5     sing Y N 101 
DG C5    C6     sing N N 102 
DG C5    C4     doub Y N 103 
DG C6    O6     doub N N 104 
DG C6    N1     sing N N 105 
DG N1    C2     sing N N 106 
DG N1    H1     sing N N 107 
DG C2    N2     sing N N 108 
DG C2    N3     doub N N 109 
DG N2    H21    sing N N 110 
DG N2    H22    sing N N 111 
DG N3    C4     sing N N 112 
DT OP3   P      sing N N 113 
DT OP3   HOP3   sing N N 114 
DT P     OP1    doub N N 115 
DT P     OP2    sing N N 116 
DT P     "O5'"  sing N N 117 
DT OP2   HOP2   sing N N 118 
DT "O5'" "C5'"  sing N N 119 
DT "C5'" "C4'"  sing N N 120 
DT "C5'" "H5'"  sing N N 121 
DT "C5'" "H5''" sing N N 122 
DT "C4'" "O4'"  sing N N 123 
DT "C4'" "C3'"  sing N N 124 
DT "C4'" "H4'"  sing N N 125 
DT "O4'" "C1'"  sing N N 126 
DT "C3'" "O3'"  sing N N 127 
DT "C3'" "C2'"  sing N N 128 
DT "C3'" "H3'"  sing N N 129 
DT "O3'" "HO3'" sing N N 130 
DT "C2'" "C1'"  sing N N 131 
DT "C2'" "H2'"  sing N N 132 
DT "C2'" "H2''" sing N N 133 
DT "C1'" N1     sing N N 134 
DT "C1'" "H1'"  sing N N 135 
DT N1    C2     sing N N 136 
DT N1    C6     sing N N 137 
DT C2    O2     doub N N 138 
DT C2    N3     sing N N 139 
DT N3    C4     sing N N 140 
DT N3    H3     sing N N 141 
DT C4    O4     doub N N 142 
DT C4    C5     sing N N 143 
DT C5    C7     sing N N 144 
DT C5    C6     doub N N 145 
DT C7    H71    sing N N 146 
DT C7    H72    sing N N 147 
DT C7    H73    sing N N 148 
DT C6    H6     sing N N 149 
# 
_ndb_struct_conf_na.entry_id   1BUF 
_ndb_struct_conf_na.feature    'b-form double helix' 
# 
loop_
_ndb_struct_na_base_pair.model_number 
_ndb_struct_na_base_pair.i_label_asym_id 
_ndb_struct_na_base_pair.i_label_comp_id 
_ndb_struct_na_base_pair.i_label_seq_id 
_ndb_struct_na_base_pair.i_symmetry 
_ndb_struct_na_base_pair.j_label_asym_id 
_ndb_struct_na_base_pair.j_label_comp_id 
_ndb_struct_na_base_pair.j_label_seq_id 
_ndb_struct_na_base_pair.j_symmetry 
_ndb_struct_na_base_pair.shear 
_ndb_struct_na_base_pair.stretch 
_ndb_struct_na_base_pair.stagger 
_ndb_struct_na_base_pair.buckle 
_ndb_struct_na_base_pair.propeller 
_ndb_struct_na_base_pair.opening 
_ndb_struct_na_base_pair.pair_number 
_ndb_struct_na_base_pair.pair_name 
_ndb_struct_na_base_pair.i_auth_asym_id 
_ndb_struct_na_base_pair.i_auth_seq_id 
_ndb_struct_na_base_pair.i_PDB_ins_code 
_ndb_struct_na_base_pair.j_auth_asym_id 
_ndb_struct_na_base_pair.j_auth_seq_id 
_ndb_struct_na_base_pair.j_PDB_ins_code 
_ndb_struct_na_base_pair.hbond_type_28 
_ndb_struct_na_base_pair.hbond_type_12 
1 A DC 1 1_555 B DG 6 1_555 0.312  -0.141 -0.498 22.437  -20.156 0.212  1 A_DC1:DG12_B A 1 ? B 12 ? 19 1 
1 A DA 2 1_555 B DT 5 1_555 0.106  -0.142 -0.297 13.006  -8.370  -2.989 2 A_DA2:DT11_B A 2 ? B 11 ? 20 1 
1 A DA 3 1_555 B DT 4 1_555 -0.482 -0.308 -0.338 4.407   -26.053 2.676  3 A_DA3:DT10_B A 3 ? B 10 ? 20 1 
1 A DT 4 1_555 B DA 3 1_555 0.482  -0.308 -0.337 -4.466  -26.011 2.673  4 A_DT4:DA9_B  A 4 ? B 9  ? 20 1 
1 A DT 5 1_555 B DA 2 1_555 -0.104 -0.143 -0.297 -13.043 -8.341  -3.022 5 A_DT5:DA8_B  A 5 ? B 8  ? 20 1 
1 A DG 6 1_555 B DC 1 1_555 -0.318 -0.141 -0.508 -22.669 -20.334 0.297  6 A_DG6:DC7_B  A 6 ? B 7  ? 19 1 
# 
loop_
_ndb_struct_na_base_pair_step.model_number 
_ndb_struct_na_base_pair_step.i_label_asym_id_1 
_ndb_struct_na_base_pair_step.i_label_comp_id_1 
_ndb_struct_na_base_pair_step.i_label_seq_id_1 
_ndb_struct_na_base_pair_step.i_symmetry_1 
_ndb_struct_na_base_pair_step.j_label_asym_id_1 
_ndb_struct_na_base_pair_step.j_label_comp_id_1 
_ndb_struct_na_base_pair_step.j_label_seq_id_1 
_ndb_struct_na_base_pair_step.j_symmetry_1 
_ndb_struct_na_base_pair_step.i_label_asym_id_2 
_ndb_struct_na_base_pair_step.i_label_comp_id_2 
_ndb_struct_na_base_pair_step.i_label_seq_id_2 
_ndb_struct_na_base_pair_step.i_symmetry_2 
_ndb_struct_na_base_pair_step.j_label_asym_id_2 
_ndb_struct_na_base_pair_step.j_label_comp_id_2 
_ndb_struct_na_base_pair_step.j_label_seq_id_2 
_ndb_struct_na_base_pair_step.j_symmetry_2 
_ndb_struct_na_base_pair_step.shift 
_ndb_struct_na_base_pair_step.slide 
_ndb_struct_na_base_pair_step.rise 
_ndb_struct_na_base_pair_step.tilt 
_ndb_struct_na_base_pair_step.roll 
_ndb_struct_na_base_pair_step.twist 
_ndb_struct_na_base_pair_step.x_displacement 
_ndb_struct_na_base_pair_step.y_displacement 
_ndb_struct_na_base_pair_step.helical_rise 
_ndb_struct_na_base_pair_step.inclination 
_ndb_struct_na_base_pair_step.tip 
_ndb_struct_na_base_pair_step.helical_twist 
_ndb_struct_na_base_pair_step.step_number 
_ndb_struct_na_base_pair_step.step_name 
_ndb_struct_na_base_pair_step.i_auth_asym_id_1 
_ndb_struct_na_base_pair_step.i_auth_seq_id_1 
_ndb_struct_na_base_pair_step.i_PDB_ins_code_1 
_ndb_struct_na_base_pair_step.j_auth_asym_id_1 
_ndb_struct_na_base_pair_step.j_auth_seq_id_1 
_ndb_struct_na_base_pair_step.j_PDB_ins_code_1 
_ndb_struct_na_base_pair_step.i_auth_asym_id_2 
_ndb_struct_na_base_pair_step.i_auth_seq_id_2 
_ndb_struct_na_base_pair_step.i_PDB_ins_code_2 
_ndb_struct_na_base_pair_step.j_auth_asym_id_2 
_ndb_struct_na_base_pair_step.j_auth_seq_id_2 
_ndb_struct_na_base_pair_step.j_PDB_ins_code_2 
1 A DC 1 1_555 B DG 6 1_555 A DA 2 1_555 B DT 5 1_555 -0.213 0.381  3.539 11.254  15.171 45.721 -0.791 1.182  3.363 18.617 -13.811 
49.275 1 AA_DC1DA2:DT11DG12_BB A 1 ? B 12 ? A 2 ? B 11 ? 
1 A DA 2 1_555 B DT 5 1_555 A DA 3 1_555 B DT 4 1_555 -0.272 0.651  3.331 -4.800  16.647 31.954 -1.474 -0.289 3.274 27.830 8.025   
36.241 2 AA_DA2DA3:DT10DT11_BB A 2 ? B 11 ? A 3 ? B 10 ? 
1 A DA 3 1_555 B DT 4 1_555 A DT 4 1_555 B DA 3 1_555 -0.001 -0.540 3.323 -0.013  0.451  34.214 -0.990 -0.001 3.316 0.767  0.022   
34.217 3 AA_DA3DT4:DA9DT10_BB  A 3 ? B 10 ? A 4 ? B 9  ? 
1 A DT 4 1_555 B DA 3 1_555 A DT 5 1_555 B DA 2 1_555 0.272  0.650  3.330 4.796   16.667 31.966 -1.475 0.287  3.273 27.852 -8.014  
36.259 4 AA_DT4DT5:DA8DA9_BB   A 4 ? B 9  ? A 5 ? B 8  ? 
1 A DT 5 1_555 B DA 2 1_555 A DG 6 1_555 B DC 1 1_555 0.219  0.385  3.545 -11.210 15.279 45.678 -0.799 -1.187 3.368 18.760 13.764  
49.258 5 AA_DT5DG6:DC7DA8_BB   A 5 ? B 8  ? A 6 ? B 7  ? 
# 
_atom_sites.entry_id                    1BUF 
_atom_sites.fract_transf_matrix[1][1]   1.000000 
_atom_sites.fract_transf_matrix[1][2]   0.000000 
_atom_sites.fract_transf_matrix[1][3]   0.000000 
_atom_sites.fract_transf_matrix[2][1]   0.000000 
_atom_sites.fract_transf_matrix[2][2]   1.000000 
_atom_sites.fract_transf_matrix[2][3]   0.000000 
_atom_sites.fract_transf_matrix[3][1]   0.000000 
_atom_sites.fract_transf_matrix[3][2]   0.000000 
_atom_sites.fract_transf_matrix[3][3]   1.000000 
_atom_sites.fract_transf_vector[1]      0.00000 
_atom_sites.fract_transf_vector[2]      0.00000 
_atom_sites.fract_transf_vector[3]      0.00000 
# 
loop_
_atom_type.symbol 
C 
H 
N 
O 
P 
# 
loop_
_atom_site.group_PDB 
_atom_site.id 
_atom_site.type_symbol 
_atom_site.label_atom_id 
_atom_site.label_alt_id 
_atom_site.label_comp_id 
_atom_site.label_asym_id 
_atom_site.label_entity_id 
_atom_site.label_seq_id 
_atom_site.pdbx_PDB_ins_code 
_atom_site.Cartn_x 
_atom_site.Cartn_y 
_atom_site.Cartn_z 
_atom_site.occupancy 
_atom_site.B_iso_or_equiv 
_atom_site.pdbx_formal_charge 
_atom_site.auth_seq_id 
_atom_site.auth_comp_id 
_atom_site.auth_asym_id 
_atom_site.auth_atom_id 
_atom_site.pdbx_PDB_model_num 
ATOM 1   O "O5'"  . DC A 1 1 ? -2.813  11.971  -0.334 1.00 0.00 ? 1  DC A "O5'"  1 
ATOM 2   C "C5'"  . DC A 1 1 ? -2.887  10.804  0.457  1.00 0.00 ? 1  DC A "C5'"  1 
ATOM 3   C "C4'"  . DC A 1 1 ? -4.293  10.199  0.380  1.00 0.00 ? 1  DC A "C4'"  1 
ATOM 4   O "O4'"  . DC A 1 1 ? -4.705  9.929   -0.951 1.00 0.00 ? 1  DC A "O4'"  1 
ATOM 5   C "C3'"  . DC A 1 1 ? -4.471  8.948   1.254  1.00 0.00 ? 1  DC A "C3'"  1 
ATOM 6   O "O3'"  . DC A 1 1 ? -5.647  9.016   2.048  1.00 0.00 ? 1  DC A "O3'"  1 
ATOM 7   C "C2'"  . DC A 1 1 ? -4.524  7.866   0.174  1.00 0.00 ? 1  DC A "C2'"  1 
ATOM 8   C "C1'"  . DC A 1 1 ? -5.100  8.579   -1.079 1.00 0.00 ? 1  DC A "C1'"  1 
ATOM 9   N N1     . DC A 1 1 ? -4.460  7.944   -2.255 1.00 0.00 ? 1  DC A N1     1 
ATOM 10  C C2     . DC A 1 1 ? -5.159  6.988   -2.985 1.00 0.00 ? 1  DC A C2     1 
ATOM 11  O O2     . DC A 1 1 ? -6.349  6.769   -2.773 1.00 0.00 ? 1  DC A O2     1 
ATOM 12  N N3     . DC A 1 1 ? -4.499  6.262   -3.932 1.00 0.00 ? 1  DC A N3     1 
ATOM 13  C C4     . DC A 1 1 ? -3.192  6.459   -4.144 1.00 0.00 ? 1  DC A C4     1 
ATOM 14  N N4     . DC A 1 1 ? -2.584  5.710   -5.056 1.00 0.00 ? 1  DC A N4     1 
ATOM 15  C C5     . DC A 1 1 ? -2.436  7.395   -3.369 1.00 0.00 ? 1  DC A C5     1 
ATOM 16  C C6     . DC A 1 1 ? -3.119  8.107   -2.443 1.00 0.00 ? 1  DC A C6     1 
ATOM 17  H "H5'"  . DC A 1 1 ? -2.667  11.070  1.491  1.00 0.00 ? 1  DC A "H5'"  1 
ATOM 18  H "H5''" . DC A 1 1 ? -2.147  10.083  0.112  1.00 0.00 ? 1  DC A "H5''" 1 
ATOM 19  H "H4'"  . DC A 1 1 ? -5.062  10.923  0.686  1.00 0.00 ? 1  DC A "H4'"  1 
ATOM 20  H "H3'"  . DC A 1 1 ? -3.585  8.805   1.915  1.00 0.00 ? 1  DC A "H3'"  1 
ATOM 21  H "H2'"  . DC A 1 1 ? -3.572  7.303   -0.001 1.00 0.00 ? 1  DC A "H2'"  1 
ATOM 22  H "H2''" . DC A 1 1 ? -5.279  7.187   0.532  1.00 0.00 ? 1  DC A "H2''" 1 
ATOM 23  H "H1'"  . DC A 1 1 ? -6.193  8.679   -1.223 1.00 0.00 ? 1  DC A "H1'"  1 
ATOM 24  H H41    . DC A 1 1 ? -3.116  5.007   -5.554 1.00 0.00 ? 1  DC A H41    1 
ATOM 25  H H42    . DC A 1 1 ? -1.588  5.762   -5.186 1.00 0.00 ? 1  DC A H42    1 
ATOM 26  H H5     . DC A 1 1 ? -1.372  7.546   -3.480 1.00 0.00 ? 1  DC A H5     1 
ATOM 27  H H6     . DC A 1 1 ? -2.626  8.780   -1.759 1.00 0.00 ? 1  DC A H6     1 
ATOM 28  H "HO5'" . DC A 1 1 ? -3.463  12.599  -0.012 1.00 0.00 ? 1  DC A "HO5'" 1 
ATOM 29  P P      . DA A 1 2 ? -5.818  8.121   3.381  1.00 0.00 ? 2  DA A P      1 
ATOM 30  O OP1    . DA A 1 2 ? -6.835  8.741   4.257  1.00 0.00 ? 2  DA A OP1    1 
ATOM 31  O OP2    . DA A 1 2 ? -4.507  7.994   4.056  1.00 0.00 ? 2  DA A OP2    1 
ATOM 32  O "O5'"  . DA A 1 2 ? -6.310  6.662   2.936  1.00 0.00 ? 2  DA A "O5'"  1 
ATOM 33  C "C5'"  . DA A 1 2 ? -7.684  6.310   2.923  1.00 0.00 ? 2  DA A "C5'"  1 
ATOM 34  C "C4'"  . DA A 1 2 ? -7.855  4.785   2.954  1.00 0.00 ? 2  DA A "C4'"  1 
ATOM 35  O "O4'"  . DA A 1 2 ? -7.173  4.283   1.824  1.00 0.00 ? 2  DA A "O4'"  1 
ATOM 36  C "C3'"  . DA A 1 2 ? -7.254  4.065   4.171  1.00 0.00 ? 2  DA A "C3'"  1 
ATOM 37  O "O3'"  . DA A 1 2 ? -8.032  2.922   4.475  1.00 0.00 ? 2  DA A "O3'"  1 
ATOM 38  C "C2'"  . DA A 1 2 ? -5.882  3.607   3.729  1.00 0.00 ? 2  DA A "C2'"  1 
ATOM 39  C "C1'"  . DA A 1 2 ? -6.157  3.389   2.238  1.00 0.00 ? 2  DA A "C1'"  1 
ATOM 40  N N9     . DA A 1 2 ? -4.979  3.603   1.386  1.00 0.00 ? 2  DA A N9     1 
ATOM 41  C C8     . DA A 1 2 ? -3.952  4.473   1.605  1.00 0.00 ? 2  DA A C8     1 
ATOM 42  N N7     . DA A 1 2 ? -3.150  4.634   0.586  1.00 0.00 ? 2  DA A N7     1 
ATOM 43  C C5     . DA A 1 2 ? -3.683  3.769   -0.366 1.00 0.00 ? 2  DA A C5     1 
ATOM 44  C C6     . DA A 1 2 ? -3.297  3.431   -1.673 1.00 0.00 ? 2  DA A C6     1 
ATOM 45  N N6     . DA A 1 2 ? -2.271  4.026   -2.272 1.00 0.00 ? 2  DA A N6     1 
ATOM 46  N N1     . DA A 1 2 ? -3.950  2.454   -2.323 1.00 0.00 ? 2  DA A N1     1 
ATOM 47  C C2     . DA A 1 2 ? -4.966  1.854   -1.706 1.00 0.00 ? 2  DA A C2     1 
ATOM 48  N N3     . DA A 1 2 ? -5.456  2.102   -0.496 1.00 0.00 ? 2  DA A N3     1 
ATOM 49  C C4     . DA A 1 2 ? -4.763  3.089   0.130  1.00 0.00 ? 2  DA A C4     1 
ATOM 50  H "H5'"  . DA A 1 2 ? -8.153  6.722   2.028  1.00 0.00 ? 2  DA A "H5'"  1 
ATOM 51  H "H5''" . DA A 1 2 ? -8.196  6.705   3.801  1.00 0.00 ? 2  DA A "H5''" 1 
ATOM 52  H "H4'"  . DA A 1 2 ? -8.912  4.536   2.833  1.00 0.00 ? 2  DA A "H4'"  1 
ATOM 53  H "H3'"  . DA A 1 2 ? -7.169  4.766   5.000  1.00 0.00 ? 2  DA A "H3'"  1 
ATOM 54  H "H2'"  . DA A 1 2 ? -5.116  4.294   4.069  1.00 0.00 ? 2  DA A "H2'"  1 
ATOM 55  H "H2''" . DA A 1 2 ? -5.587  2.688   4.188  1.00 0.00 ? 2  DA A "H2''" 1 
ATOM 56  H "H1'"  . DA A 1 2 ? -6.562  2.389   2.125  1.00 0.00 ? 2  DA A "H1'"  1 
ATOM 57  H H8     . DA A 1 2 ? -3.861  4.972   2.555  1.00 0.00 ? 2  DA A H8     1 
ATOM 58  H H61    . DA A 1 2 ? -1.985  3.741   -3.199 1.00 0.00 ? 2  DA A H61    1 
ATOM 59  H H62    . DA A 1 2 ? -1.705  4.662   -1.730 1.00 0.00 ? 2  DA A H62    1 
ATOM 60  H H2     . DA A 1 2 ? -5.458  1.071   -2.262 1.00 0.00 ? 2  DA A H2     1 
ATOM 61  P P      . DA A 1 3 ? -7.992  2.201   5.906  1.00 0.00 ? 3  DA A P      1 
ATOM 62  O OP1    . DA A 1 3 ? -9.359  2.053   6.453  1.00 0.00 ? 3  DA A OP1    1 
ATOM 63  O OP2    . DA A 1 3 ? -7.078  2.915   6.826  1.00 0.00 ? 3  DA A OP2    1 
ATOM 64  O "O5'"  . DA A 1 3 ? -7.389  0.753   5.558  1.00 0.00 ? 3  DA A "O5'"  1 
ATOM 65  C "C5'"  . DA A 1 3 ? -8.245  -0.247  5.040  1.00 0.00 ? 3  DA A "C5'"  1 
ATOM 66  C "C4'"  . DA A 1 3 ? -7.515  -1.341  4.255  1.00 0.00 ? 3  DA A "C4'"  1 
ATOM 67  O "O4'"  . DA A 1 3 ? -6.863  -0.859  3.081  1.00 0.00 ? 3  DA A "O4'"  1 
ATOM 68  C "C3'"  . DA A 1 3 ? -6.578  -2.327  4.956  1.00 0.00 ? 3  DA A "C3'"  1 
ATOM 69  O "O3'"  . DA A 1 3 ? -6.945  -3.684  4.783  1.00 0.00 ? 3  DA A "O3'"  1 
ATOM 70  C "C2'"  . DA A 1 3 ? -5.269  -1.954  4.357  1.00 0.00 ? 3  DA A "C2'"  1 
ATOM 71  C "C1'"  . DA A 1 3 ? -5.583  -1.461  2.960  1.00 0.00 ? 3  DA A "C1'"  1 
ATOM 72  N N9     . DA A 1 3 ? -4.585  -0.450  2.543  1.00 0.00 ? 3  DA A N9     1 
ATOM 73  C C8     . DA A 1 3 ? -4.217  0.642   3.268  1.00 0.00 ? 3  DA A C8     1 
ATOM 74  N N7     . DA A 1 3 ? -3.286  1.382   2.737  1.00 0.00 ? 3  DA A N7     1 
ATOM 75  C C5     . DA A 1 3 ? -3.022  0.719   1.547  1.00 0.00 ? 3  DA A C5     1 
ATOM 76  C C6     . DA A 1 3 ? -2.121  0.981   0.506  1.00 0.00 ? 3  DA A C6     1 
ATOM 77  N N6     . DA A 1 3 ? -1.312  2.041   0.516  1.00 0.00 ? 3  DA A N6     1 
ATOM 78  N N1     . DA A 1 3 ? -2.102  0.165   -0.552 1.00 0.00 ? 3  DA A N1     1 
ATOM 79  C C2     . DA A 1 3 ? -2.917  -0.887  -0.571 1.00 0.00 ? 3  DA A C2     1 
ATOM 80  N N3     . DA A 1 3 ? -3.794  -1.260  0.357  1.00 0.00 ? 3  DA A N3     1 
ATOM 81  C C4     . DA A 1 3 ? -3.812  -0.396  1.404  1.00 0.00 ? 3  DA A C4     1 
ATOM 82  H "H5'"  . DA A 1 3 ? -8.959  0.208   4.352  1.00 0.00 ? 3  DA A "H5'"  1 
ATOM 83  H "H5''" . DA A 1 3 ? -8.803  -0.702  5.861  1.00 0.00 ? 3  DA A "H5''" 1 
ATOM 84  H "H4'"  . DA A 1 3 ? -8.273  -1.977  3.808  1.00 0.00 ? 3  DA A "H4'"  1 
ATOM 85  H "H3'"  . DA A 1 3 ? -6.440  -2.083  6.017  1.00 0.00 ? 3  DA A "H3'"  1 
ATOM 86  H "H2'"  . DA A 1 3 ? -4.803  -1.208  4.945  1.00 0.00 ? 3  DA A "H2'"  1 
ATOM 87  H "H2''" . DA A 1 3 ? -4.731  -2.877  4.370  1.00 0.00 ? 3  DA A "H2''" 1 
ATOM 88  H "H1'"  . DA A 1 3 ? -5.580  -2.311  2.314  1.00 0.00 ? 3  DA A "H1'"  1 
ATOM 89  H H8     . DA A 1 3 ? -4.684  0.824   4.214  1.00 0.00 ? 3  DA A H8     1 
ATOM 90  H H61    . DA A 1 3 ? -0.693  2.256   -0.259 1.00 0.00 ? 3  DA A H61    1 
ATOM 91  H H62    . DA A 1 3 ? -1.407  2.691   1.283  1.00 0.00 ? 3  DA A H62    1 
ATOM 92  H H2     . DA A 1 3 ? -2.854  -1.519  -1.444 1.00 0.00 ? 3  DA A H2     1 
ATOM 93  P P      . DT A 1 4 ? -6.336  -4.845  5.714  1.00 0.00 ? 4  DT A P      1 
ATOM 94  O OP1    . DT A 1 4 ? -7.245  -6.012  5.742  1.00 0.00 ? 4  DT A OP1    1 
ATOM 95  O OP2    . DT A 1 4 ? -6.014  -4.328  7.063  1.00 0.00 ? 4  DT A OP2    1 
ATOM 96  O "O5'"  . DT A 1 4 ? -4.989  -5.228  4.929  1.00 0.00 ? 4  DT A "O5'"  1 
ATOM 97  C "C5'"  . DT A 1 4 ? -5.105  -5.854  3.668  1.00 0.00 ? 4  DT A "C5'"  1 
ATOM 98  C "C4'"  . DT A 1 4 ? -3.936  -5.614  2.707  1.00 0.00 ? 4  DT A "C4'"  1 
ATOM 99  O "O4'"  . DT A 1 4 ? -3.672  -4.296  2.277  1.00 0.00 ? 4  DT A "O4'"  1 
ATOM 100 C "C3'"  . DT A 1 4 ? -2.654  -6.433  2.773  1.00 0.00 ? 4  DT A "C3'"  1 
ATOM 101 O "O3'"  . DT A 1 4 ? -2.594  -7.274  1.619  1.00 0.00 ? 4  DT A "O3'"  1 
ATOM 102 C "C2'"  . DT A 1 4 ? -1.644  -5.320  2.823  1.00 0.00 ? 4  DT A "C2'"  1 
ATOM 103 C "C1'"  . DT A 1 4 ? -2.283  -4.235  2.013  1.00 0.00 ? 4  DT A "C1'"  1 
ATOM 104 N N1     . DT A 1 4 ? -1.696  -2.934  2.329  1.00 0.00 ? 4  DT A N1     1 
ATOM 105 C C2     . DT A 1 4 ? -0.736  -2.387  1.497  1.00 0.00 ? 4  DT A C2     1 
ATOM 106 O O2     . DT A 1 4 ? -0.376  -2.902  0.447  1.00 0.00 ? 4  DT A O2     1 
ATOM 107 N N3     . DT A 1 4 ? -0.170  -1.215  1.940  1.00 0.00 ? 4  DT A N3     1 
ATOM 108 C C4     . DT A 1 4 ? -0.449  -0.567  3.126  1.00 0.00 ? 4  DT A C4     1 
ATOM 109 O O4     . DT A 1 4 ? 0.077   0.520   3.352  1.00 0.00 ? 4  DT A O4     1 
ATOM 110 C C5     . DT A 1 4 ? -1.367  -1.285  4.000  1.00 0.00 ? 4  DT A C5     1 
ATOM 111 C C7     . DT A 1 4 ? -1.603  -0.779  5.415  1.00 0.00 ? 4  DT A C7     1 
ATOM 112 C C6     . DT A 1 4 ? -1.953  -2.432  3.561  1.00 0.00 ? 4  DT A C6     1 
ATOM 113 H "H5'"  . DT A 1 4 ? -5.994  -5.477  3.157  1.00 0.00 ? 4  DT A "H5'"  1 
ATOM 114 H "H5''" . DT A 1 4 ? -5.235  -6.927  3.815  1.00 0.00 ? 4  DT A "H5''" 1 
ATOM 115 H "H4'"  . DT A 1 4 ? -4.350  -5.994  1.808  1.00 0.00 ? 4  DT A "H4'"  1 
ATOM 116 H "H3'"  . DT A 1 4 ? -2.552  -6.901  3.727  1.00 0.00 ? 4  DT A "H3'"  1 
ATOM 117 H "H2'"  . DT A 1 4 ? -1.585  -5.008  3.853  1.00 0.00 ? 4  DT A "H2'"  1 
ATOM 118 H "H2''" . DT A 1 4 ? -0.674  -5.550  2.419  1.00 0.00 ? 4  DT A "H2''" 1 
ATOM 119 H "H1'"  . DT A 1 4 ? -2.054  -4.574  1.031  1.00 0.00 ? 4  DT A "H1'"  1 
ATOM 120 H H3     . DT A 1 4 ? 0.604   -0.906  1.361  1.00 0.00 ? 4  DT A H3     1 
ATOM 121 H H71    . DT A 1 4 ? -0.682  -0.858  5.992  1.00 0.00 ? 4  DT A H71    1 
ATOM 122 H H72    . DT A 1 4 ? -1.894  0.271   5.368  1.00 0.00 ? 4  DT A H72    1 
ATOM 123 H H73    . DT A 1 4 ? -2.394  -1.343  5.911  1.00 0.00 ? 4  DT A H73    1 
ATOM 124 H H6     . DT A 1 4 ? -2.590  -3.112  4.119  1.00 0.00 ? 4  DT A H6     1 
ATOM 125 P P      . DT A 1 5 ? -1.733  -8.621  1.526  1.00 0.00 ? 5  DT A P      1 
ATOM 126 O OP1    . DT A 1 5 ? -2.165  -9.399  0.345  1.00 0.00 ? 5  DT A OP1    1 
ATOM 127 O OP2    . DT A 1 5 ? -1.867  -9.379  2.789  1.00 0.00 ? 5  DT A OP2    1 
ATOM 128 O "O5'"  . DT A 1 5 ? -0.236  -8.144  1.340  1.00 0.00 ? 5  DT A "O5'"  1 
ATOM 129 C "C5'"  . DT A 1 5 ? 0.634   -8.552  0.297  1.00 0.00 ? 5  DT A "C5'"  1 
ATOM 130 C "C4'"  . DT A 1 5 ? 2.070   -8.151  0.701  1.00 0.00 ? 5  DT A "C4'"  1 
ATOM 131 O "O4'"  . DT A 1 5 ? 1.943   -6.807  1.146  1.00 0.00 ? 5  DT A "O4'"  1 
ATOM 132 C "C3'"  . DT A 1 5 ? 2.575   -9.014  1.876  1.00 0.00 ? 5  DT A "C3'"  1 
ATOM 133 O "O3'"  . DT A 1 5 ? 3.971   -8.967  1.750  1.00 0.00 ? 5  DT A "O3'"  1 
ATOM 134 C "C2'"  . DT A 1 5 ? 2.122   -8.219  3.115  1.00 0.00 ? 5  DT A "C2'"  1 
ATOM 135 C "C1'"  . DT A 1 5 ? 2.209   -6.810  2.527  1.00 0.00 ? 5  DT A "C1'"  1 
ATOM 136 N N1     . DT A 1 5 ? 2.058   -5.557  3.327  1.00 0.00 ? 5  DT A N1     1 
ATOM 137 C C2     . DT A 1 5 ? 2.741   -4.420  2.891  1.00 0.00 ? 5  DT A C2     1 
ATOM 138 O O2     . DT A 1 5 ? 3.547   -4.423  1.965  1.00 0.00 ? 5  DT A O2     1 
ATOM 139 N N3     . DT A 1 5 ? 2.480   -3.241  3.568  1.00 0.00 ? 5  DT A N3     1 
ATOM 140 C C4     . DT A 1 5 ? 1.595   -3.094  4.613  1.00 0.00 ? 5  DT A C4     1 
ATOM 141 O O4     . DT A 1 5 ? 1.493   -2.013  5.186  1.00 0.00 ? 5  DT A O4     1 
ATOM 142 C C5     . DT A 1 5 ? 0.810   -4.275  4.908  1.00 0.00 ? 5  DT A C5     1 
ATOM 143 C C7     . DT A 1 5 ? -0.326  -4.206  5.903  1.00 0.00 ? 5  DT A C7     1 
ATOM 144 C C6     . DT A 1 5 ? 1.072   -5.450  4.298  1.00 0.00 ? 5  DT A C6     1 
ATOM 145 H "H5'"  . DT A 1 5 ? 0.349   -8.043  -0.625 1.00 0.00 ? 5  DT A "H5'"  1 
ATOM 146 H "H5''" . DT A 1 5 ? 0.580   -9.630  0.141  1.00 0.00 ? 5  DT A "H5''" 1 
ATOM 147 H "H4'"  . DT A 1 5 ? 2.727   -8.234  -0.157 1.00 0.00 ? 5  DT A "H4'"  1 
ATOM 148 H "H3'"  . DT A 1 5 ? 2.207   -10.044 1.753  1.00 0.00 ? 5  DT A "H3'"  1 
ATOM 149 H "H2'"  . DT A 1 5 ? 1.131   -8.598  3.292  1.00 0.00 ? 5  DT A "H2'"  1 
ATOM 150 H "H2''" . DT A 1 5 ? 2.564   -8.265  4.102  1.00 0.00 ? 5  DT A "H2''" 1 
ATOM 151 H "H1'"  . DT A 1 5 ? 1.174   -6.874  2.627  1.00 0.00 ? 5  DT A "H1'"  1 
ATOM 152 H H3     . DT A 1 5 ? 3.034   -2.429  3.302  1.00 0.00 ? 5  DT A H3     1 
ATOM 153 H H71    . DT A 1 5 ? -0.954  -5.096  5.913  1.00 0.00 ? 5  DT A H71    1 
ATOM 154 H H72    . DT A 1 5 ? 0.123   -4.117  6.893  1.00 0.00 ? 5  DT A H72    1 
ATOM 155 H H73    . DT A 1 5 ? -0.935  -3.323  5.755  1.00 0.00 ? 5  DT A H73    1 
ATOM 156 H H6     . DT A 1 5 ? 0.378   -6.277  4.479  1.00 0.00 ? 5  DT A H6     1 
ATOM 157 P P      . DG A 1 6 ? 4.946   -10.031 2.412  1.00 0.00 ? 6  DG A P      1 
ATOM 158 O OP1    . DG A 1 6 ? 4.953   -11.295 1.643  1.00 0.00 ? 6  DG A OP1    1 
ATOM 159 O OP2    . DG A 1 6 ? 4.631   -10.218 3.844  1.00 0.00 ? 6  DG A OP2    1 
ATOM 160 O "O5'"  . DG A 1 6 ? 6.343   -9.292  2.266  1.00 0.00 ? 6  DG A "O5'"  1 
ATOM 161 C "C5'"  . DG A 1 6 ? 6.893   -8.999  0.994  1.00 0.00 ? 6  DG A "C5'"  1 
ATOM 162 C "C4'"  . DG A 1 6 ? 7.910   -7.862  1.134  1.00 0.00 ? 6  DG A "C4'"  1 
ATOM 163 O "O4'"  . DG A 1 6 ? 7.306   -6.593  1.191  1.00 0.00 ? 6  DG A "O4'"  1 
ATOM 164 C "C3'"  . DG A 1 6 ? 8.820   -7.997  2.349  1.00 0.00 ? 6  DG A "C3'"  1 
ATOM 165 O "O3'"  . DG A 1 6 ? 10.177  -7.732  2.056  1.00 0.00 ? 6  DG A "O3'"  1 
ATOM 166 C "C2'"  . DG A 1 6 ? 8.256   -7.028  3.366  1.00 0.00 ? 6  DG A "C2'"  1 
ATOM 167 C "C1'"  . DG A 1 6 ? 7.642   -5.994  2.423  1.00 0.00 ? 6  DG A "C1'"  1 
ATOM 168 N N9     . DG A 1 6 ? 6.468   -5.463  3.128  1.00 0.00 ? 6  DG A N9     1 
ATOM 169 C C8     . DG A 1 6 ? 5.437   -6.221  3.610  1.00 0.00 ? 6  DG A C8     1 
ATOM 170 N N7     . DG A 1 6 ? 4.768   -5.659  4.577  1.00 0.00 ? 6  DG A N7     1 
ATOM 171 C C5     . DG A 1 6 ? 5.356   -4.399  4.695  1.00 0.00 ? 6  DG A C5     1 
ATOM 172 C C6     . DG A 1 6 ? 5.063   -3.317  5.578  1.00 0.00 ? 6  DG A C6     1 
ATOM 173 O O6     . DG A 1 6 ? 4.171   -3.245  6.420  1.00 0.00 ? 6  DG A O6     1 
ATOM 174 N N1     . DG A 1 6 ? 5.933   -2.248  5.424  1.00 0.00 ? 6  DG A N1     1 
ATOM 175 C C2     . DG A 1 6 ? 6.955   -2.210  4.507  1.00 0.00 ? 6  DG A C2     1 
ATOM 176 N N2     . DG A 1 6 ? 7.701   -1.112  4.438  1.00 0.00 ? 6  DG A N2     1 
ATOM 177 N N3     . DG A 1 6 ? 7.238   -3.213  3.672  1.00 0.00 ? 6  DG A N3     1 
ATOM 178 C C4     . DG A 1 6 ? 6.396   -4.272  3.808  1.00 0.00 ? 6  DG A C4     1 
ATOM 179 H "H5'"  . DG A 1 6 ? 6.123   -8.689  0.285  1.00 0.00 ? 6  DG A "H5'"  1 
ATOM 180 H "H5''" . DG A 1 6 ? 7.387   -9.892  0.613  1.00 0.00 ? 6  DG A "H5''" 1 
ATOM 181 H "H4'"  . DG A 1 6 ? 8.567   -7.768  0.261  1.00 0.00 ? 6  DG A "H4'"  1 
ATOM 182 H "H3'"  . DG A 1 6 ? 8.640   -8.978  2.772  1.00 0.00 ? 6  DG A "H3'"  1 
ATOM 183 H "HO3'" . DG A 1 6 ? 10.244  -6.840  1.707  1.00 0.00 ? 6  DG A "HO3'" 1 
ATOM 184 H "H2'"  . DG A 1 6 ? 7.547   -7.472  4.093  1.00 0.00 ? 6  DG A "H2'"  1 
ATOM 185 H "H2''" . DG A 1 6 ? 9.071   -6.569  3.914  1.00 0.00 ? 6  DG A "H2''" 1 
ATOM 186 H "H1'"  . DG A 1 6 ? 8.401   -5.279  2.116  1.00 0.00 ? 6  DG A "H1'"  1 
ATOM 187 H H8     . DG A 1 6 ? 5.311   -7.243  3.270  1.00 0.00 ? 6  DG A H8     1 
ATOM 188 H H1     . DG A 1 6 ? 5.746   -1.432  6.006  1.00 0.00 ? 6  DG A H1     1 
ATOM 189 H H21    . DG A 1 6 ? 7.572   -0.347  5.089  1.00 0.00 ? 6  DG A H21    1 
ATOM 190 H H22    . DG A 1 6 ? 8.418   -1.067  3.731  1.00 0.00 ? 6  DG A H22    1 
ATOM 191 O "O5'"  . DC B 1 1 ? 4.916   7.881   7.229  1.00 0.00 ? 7  DC B "O5'"  1 
ATOM 192 C "C5'"  . DC B 1 1 ? 4.948   6.538   7.662  1.00 0.00 ? 7  DC B "C5'"  1 
ATOM 193 C "C4'"  . DC B 1 1 ? 6.189   5.837   7.102  1.00 0.00 ? 7  DC B "C4'"  1 
ATOM 194 O "O4'"  . DC B 1 1 ? 6.423   4.584   7.723  1.00 0.00 ? 7  DC B "O4'"  1 
ATOM 195 C "C3'"  . DC B 1 1 ? 6.198   5.685   5.572  1.00 0.00 ? 7  DC B "C3'"  1 
ATOM 196 O "O3'"  . DC B 1 1 ? 7.432   6.100   5.002  1.00 0.00 ? 7  DC B "O3'"  1 
ATOM 197 C "C2'"  . DC B 1 1 ? 5.948   4.181   5.449  1.00 0.00 ? 7  DC B "C2'"  1 
ATOM 198 C "C1'"  . DC B 1 1 ? 6.539   3.568   6.747  1.00 0.00 ? 7  DC B "C1'"  1 
ATOM 199 N N1     . DC B 1 1 ? 5.683   2.406   7.089  1.00 0.00 ? 7  DC B N1     1 
ATOM 200 C C2     . DC B 1 1 ? 6.118   1.122   6.784  1.00 0.00 ? 7  DC B C2     1 
ATOM 201 O O2     . DC B 1 1 ? 7.260   0.915   6.380  1.00 0.00 ? 7  DC B O2     1 
ATOM 202 N N3     . DC B 1 1 ? 5.250   0.078   6.906  1.00 0.00 ? 7  DC B N3     1 
ATOM 203 C C4     . DC B 1 1 ? 3.990   0.292   7.302  1.00 0.00 ? 7  DC B C4     1 
ATOM 204 N N4     . DC B 1 1 ? 3.170   -0.749  7.380  1.00 0.00 ? 7  DC B N4     1 
ATOM 205 C C5     . DC B 1 1 ? 3.498   1.609   7.569  1.00 0.00 ? 7  DC B C5     1 
ATOM 206 C C6     . DC B 1 1 ? 4.384   2.625   7.447  1.00 0.00 ? 7  DC B C6     1 
ATOM 207 H "H5'"  . DC B 1 1 ? 4.045   6.029   7.323  1.00 0.00 ? 7  DC B "H5'"  1 
ATOM 208 H "H5''" . DC B 1 1 ? 4.982   6.522   8.751  1.00 0.00 ? 7  DC B "H5''" 1 
ATOM 209 H "H4'"  . DC B 1 1 ? 7.109   6.368   7.383  1.00 0.00 ? 7  DC B "H4'"  1 
ATOM 210 H "H3'"  . DC B 1 1 ? 5.364   6.266   5.116  1.00 0.00 ? 7  DC B "H3'"  1 
ATOM 211 H "H2'"  . DC B 1 1 ? 4.894   3.879   5.220  1.00 0.00 ? 7  DC B "H2'"  1 
ATOM 212 H "H2''" . DC B 1 1 ? 6.586   3.882   4.633  1.00 0.00 ? 7  DC B "H2''" 1 
ATOM 213 H "H1'"  . DC B 1 1 ? 7.616   3.312   6.815  1.00 0.00 ? 7  DC B "H1'"  1 
ATOM 214 H H41    . DC B 1 1 ? 3.514   -1.669  7.127  1.00 0.00 ? 7  DC B H41    1 
ATOM 215 H H42    . DC B 1 1 ? 2.193   -0.625  7.587  1.00 0.00 ? 7  DC B H42    1 
ATOM 216 H H5     . DC B 1 1 ? 2.476   1.823   7.846  1.00 0.00 ? 7  DC B H5     1 
ATOM 217 H H6     . DC B 1 1 ? 4.083   3.656   7.555  1.00 0.00 ? 7  DC B H6     1 
ATOM 218 H "HO5'" . DC B 1 1 ? 4.134   8.301   7.595  1.00 0.00 ? 7  DC B "HO5'" 1 
ATOM 219 P P      . DA B 1 2 ? 7.543   6.519   3.447  1.00 0.00 ? 8  DA B P      1 
ATOM 220 O OP1    . DA B 1 2 ? 8.732   7.381   3.261  1.00 0.00 ? 8  DA B OP1    1 
ATOM 221 O OP2    . DA B 1 2 ? 6.295   7.195   3.032  1.00 0.00 ? 8  DA B OP2    1 
ATOM 222 O "O5'"  . DA B 1 2 ? 7.712   5.176   2.588  1.00 0.00 ? 8  DA B "O5'"  1 
ATOM 223 C "C5'"  . DA B 1 2 ? 8.988   4.689   2.204  1.00 0.00 ? 8  DA B "C5'"  1 
ATOM 224 C "C4'"  . DA B 1 2 ? 8.866   3.727   1.016  1.00 0.00 ? 8  DA B "C4'"  1 
ATOM 225 O "O4'"  . DA B 1 2 ? 8.004   2.687   1.430  1.00 0.00 ? 8  DA B "O4'"  1 
ATOM 226 C "C3'"  . DA B 1 2 ? 8.246   4.310   -0.263 1.00 0.00 ? 8  DA B "C3'"  1 
ATOM 227 O "O3'"  . DA B 1 2 ? 8.816   3.678   -1.395 1.00 0.00 ? 8  DA B "O3'"  1 
ATOM 228 C "C2'"  . DA B 1 2 ? 6.779   3.950   -0.201 1.00 0.00 ? 8  DA B "C2'"  1 
ATOM 229 C "C1'"  . DA B 1 2 ? 6.877   2.634   0.578  1.00 0.00 ? 8  DA B "C1'"  1 
ATOM 230 N N9     . DA B 1 2 ? 5.690   2.348   1.396  1.00 0.00 ? 8  DA B N9     1 
ATOM 231 C C8     . DA B 1 2 ? 4.870   3.253   2.005  1.00 0.00 ? 8  DA B C8     1 
ATOM 232 N N7     . DA B 1 2 ? 4.027   2.736   2.857  1.00 0.00 ? 8  DA B N7     1 
ATOM 233 C C5     . DA B 1 2 ? 4.299   1.372   2.772  1.00 0.00 ? 8  DA B C5     1 
ATOM 234 C C6     . DA B 1 2 ? 3.742   0.246   3.399  1.00 0.00 ? 8  DA B C6     1 
ATOM 235 N N6     . DA B 1 2 ? 2.799   0.362   4.327  1.00 0.00 ? 8  DA B N6     1 
ATOM 236 N N1     . DA B 1 2 ? 4.137   -0.982  3.024  1.00 0.00 ? 8  DA B N1     1 
ATOM 237 C C2     . DA B 1 2 ? 5.071   -1.083  2.080  1.00 0.00 ? 8  DA B C2     1 
ATOM 238 N N3     . DA B 1 2 ? 5.703   -0.106  1.440  1.00 0.00 ? 8  DA B N3     1 
ATOM 239 C C4     . DA B 1 2 ? 5.269   1.117   1.841  1.00 0.00 ? 8  DA B C4     1 
ATOM 240 H "H5'"  . DA B 1 2 ? 9.450   4.183   3.052  1.00 0.00 ? 8  DA B "H5'"  1 
ATOM 241 H "H5''" . DA B 1 2 ? 9.637   5.507   1.887  1.00 0.00 ? 8  DA B "H5''" 1 
ATOM 242 H "H4'"  . DA B 1 2 ? 9.841   3.278   0.811  1.00 0.00 ? 8  DA B "H4'"  1 
ATOM 243 H "H3'"  . DA B 1 2 ? 8.371   5.392   -0.264 1.00 0.00 ? 8  DA B "H3'"  1 
ATOM 244 H "H2'"  . DA B 1 2 ? 6.191   4.784   0.167  1.00 0.00 ? 8  DA B "H2'"  1 
ATOM 245 H "H2''" . DA B 1 2 ? 6.356   3.778   -1.166 1.00 0.00 ? 8  DA B "H2''" 1 
ATOM 246 H "H1'"  . DA B 1 2 ? 7.071   1.845   -0.143 1.00 0.00 ? 8  DA B "H1'"  1 
ATOM 247 H H8     . DA B 1 2 ? 4.960   4.301   1.773  1.00 0.00 ? 8  DA B H8     1 
ATOM 248 H H61    . DA B 1 2 ? 2.382   -0.464  4.739  1.00 0.00 ? 8  DA B H61    1 
ATOM 249 H H62    . DA B 1 2 ? 2.416   1.277   4.507  1.00 0.00 ? 8  DA B H62    1 
ATOM 250 H H2     . DA B 1 2 ? 5.354   -2.088  1.804  1.00 0.00 ? 8  DA B H2     1 
ATOM 251 P P      . DA B 1 3 ? 8.764   4.317   -2.864 1.00 0.00 ? 9  DA B P      1 
ATOM 252 O OP1    . DA B 1 3 ? 10.119  4.381   -3.451 1.00 0.00 ? 9  DA B OP1    1 
ATOM 253 O OP2    . DA B 1 3 ? 8.084   5.631   -2.838 1.00 0.00 ? 9  DA B OP2    1 
ATOM 254 O "O5'"  . DA B 1 3 ? 7.869   3.260   -3.680 1.00 0.00 ? 9  DA B "O5'"  1 
ATOM 255 C "C5'"  . DA B 1 3 ? 8.471   2.080   -4.177 1.00 0.00 ? 9  DA B "C5'"  1 
ATOM 256 C "C4'"  . DA B 1 3 ? 7.480   0.940   -4.429 1.00 0.00 ? 9  DA B "C4'"  1 
ATOM 257 O "O4'"  . DA B 1 3 ? 6.832   0.478   -3.246 1.00 0.00 ? 9  DA B "O4'"  1 
ATOM 258 C "C3'"  . DA B 1 3 ? 6.438   1.032   -5.546 1.00 0.00 ? 9  DA B "C3'"  1 
ATOM 259 O "O3'"  . DA B 1 3 ? 6.522   -0.019  -6.494 1.00 0.00 ? 9  DA B "O3'"  1 
ATOM 260 C "C2'"  . DA B 1 3 ? 5.177   1.061   -4.760 1.00 0.00 ? 9  DA B "C2'"  1 
ATOM 261 C "C1'"  . DA B 1 3 ? 5.454   0.253   -3.508 1.00 0.00 ? 9  DA B "C1'"  1 
ATOM 262 N N9     . DA B 1 3 ? 4.635   0.760   -2.385 1.00 0.00 ? 9  DA B N9     1 
ATOM 263 C C8     . DA B 1 3 ? 4.547   2.062   -1.996 1.00 0.00 ? 9  DA B C8     1 
ATOM 264 N N7     . DA B 1 3 ? 3.732   2.301   -1.010 1.00 0.00 ? 9  DA B N7     1 
ATOM 265 C C5     . DA B 1 3 ? 3.242   1.037   -0.715 1.00 0.00 ? 9  DA B C5     1 
ATOM 266 C C6     . DA B 1 3 ? 2.319   0.586   0.238  1.00 0.00 ? 9  DA B C6     1 
ATOM 267 N N6     . DA B 1 3 ? 1.730   1.410   1.105  1.00 0.00 ? 9  DA B N6     1 
ATOM 268 N N1     . DA B 1 3 ? 2.051   -0.723  0.308  1.00 0.00 ? 9  DA B N1     1 
ATOM 269 C C2     . DA B 1 3 ? 2.645   -1.551  -0.548 1.00 0.00 ? 9  DA B C2     1 
ATOM 270 N N3     . DA B 1 3 ? 3.513   -1.250  -1.510 1.00 0.00 ? 9  DA B N3     1 
ATOM 271 C C4     . DA B 1 3 ? 3.788   0.080   -1.536 1.00 0.00 ? 9  DA B C4     1 
ATOM 272 H "H5'"  . DA B 1 3 ? 9.195   1.709   -3.447 1.00 0.00 ? 9  DA B "H5'"  1 
ATOM 273 H "H5''" . DA B 1 3 ? 9.003   2.309   -5.101 1.00 0.00 ? 9  DA B "H5''" 1 
ATOM 274 H "H4'"  . DA B 1 3 ? 8.061   0.059   -4.689 1.00 0.00 ? 9  DA B "H4'"  1 
ATOM 275 H "H3'"  . DA B 1 3 ? 6.444   2.014   -6.036 1.00 0.00 ? 9  DA B "H3'"  1 
ATOM 276 H "H2'"  . DA B 1 3 ? 4.915   2.062   -4.535 1.00 0.00 ? 9  DA B "H2'"  1 
ATOM 277 H "H2''" . DA B 1 3 ? 4.475   0.596   -5.417 1.00 0.00 ? 9  DA B "H2''" 1 
ATOM 278 H "H1'"  . DA B 1 3 ? 5.232   -0.767  -3.732 1.00 0.00 ? 9  DA B "H1'"  1 
ATOM 279 H H8     . DA B 1 3 ? 5.123   2.804   -2.514 1.00 0.00 ? 9  DA B H8     1 
ATOM 280 H H61    . DA B 1 3 ? 1.098   1.077   1.824  1.00 0.00 ? 9  DA B H61    1 
ATOM 281 H H62    . DA B 1 3 ? 2.016   2.379   1.090  1.00 0.00 ? 9  DA B H62    1 
ATOM 282 H H2     . DA B 1 3 ? 2.386   -2.594  -0.454 1.00 0.00 ? 9  DA B H2     1 
ATOM 283 P P      . DT B 1 4 ? 5.788   0.076   -7.921 1.00 0.00 ? 10 DT B P      1 
ATOM 284 O OP1    . DT B 1 4 ? 6.455   -0.805  -8.902 1.00 0.00 ? 10 DT B OP1    1 
ATOM 285 O OP2    . DT B 1 4 ? 5.690   1.481   -8.375 1.00 0.00 ? 10 DT B OP2    1 
ATOM 286 O "O5'"  . DT B 1 4 ? 4.329   -0.501  -7.581 1.00 0.00 ? 10 DT B "O5'"  1 
ATOM 287 C "C5'"  . DT B 1 4 ? 4.211   -1.869  -7.248 1.00 0.00 ? 10 DT B "C5'"  1 
ATOM 288 C "C4'"  . DT B 1 4 ? 3.029   -2.222  -6.339 1.00 0.00 ? 10 DT B "C4'"  1 
ATOM 289 O "O4'"  . DT B 1 4 ? 2.985   -1.672  -5.041 1.00 0.00 ? 10 DT B "O4'"  1 
ATOM 290 C "C3'"  . DT B 1 4 ? 1.625   -2.440  -6.887 1.00 0.00 ? 10 DT B "C3'"  1 
ATOM 291 O "O3'"  . DT B 1 4 ? 1.305   -3.828  -6.770 1.00 0.00 ? 10 DT B "O3'"  1 
ATOM 292 C "C2'"  . DT B 1 4 ? 0.854   -1.514  -5.987 1.00 0.00 ? 10 DT B "C2'"  1 
ATOM 293 C "C1'"  . DT B 1 4 ? 1.615   -1.570  -4.700 1.00 0.00 ? 10 DT B "C1'"  1 
ATOM 294 N N1     . DT B 1 4 ? 1.318   -0.403  -3.868 1.00 0.00 ? 10 DT B N1     1 
ATOM 295 C C2     . DT B 1 4 ? 0.410   -0.507  -2.829 1.00 0.00 ? 10 DT B C2     1 
ATOM 296 O O2     . DT B 1 4 ? -0.133  -1.557  -2.505 1.00 0.00 ? 10 DT B O2     1 
ATOM 297 N N3     . DT B 1 4 ? 0.120   0.668   -2.180 1.00 0.00 ? 10 DT B N3     1 
ATOM 298 C C4     . DT B 1 4 ? 0.620   1.917   -2.484 1.00 0.00 ? 10 DT B C4     1 
ATOM 299 O O4     . DT B 1 4 ? 0.333   2.868   -1.761 1.00 0.00 ? 10 DT B O4     1 
ATOM 300 C C5     . DT B 1 4 ? 1.459   1.954   -3.676 1.00 0.00 ? 10 DT B C5     1 
ATOM 301 C C7     . DT B 1 4 ? 1.909   3.296   -4.232 1.00 0.00 ? 10 DT B C7     1 
ATOM 302 C C6     . DT B 1 4 ? 1.772   0.793   -4.310 1.00 0.00 ? 10 DT B C6     1 
ATOM 303 H "H5'"  . DT B 1 4 ? 5.106   -2.190  -6.711 1.00 0.00 ? 10 DT B "H5'"  1 
ATOM 304 H "H5''" . DT B 1 4 ? 4.147   -2.453  -8.166 1.00 0.00 ? 10 DT B "H5''" 1 
ATOM 305 H "H4'"  . DT B 1 4 ? 3.282   -3.218  -6.081 1.00 0.00 ? 10 DT B "H4'"  1 
ATOM 306 H "H3'"  . DT B 1 4 ? 1.520   -1.993  -7.851 1.00 0.00 ? 10 DT B "H3'"  1 
ATOM 307 H "H2'"  . DT B 1 4 ? 0.947   -0.528  -6.415 1.00 0.00 ? 10 DT B "H2'"  1 
ATOM 308 H "H2''" . DT B 1 4 ? -0.174  -1.779  -5.813 1.00 0.00 ? 10 DT B "H2''" 1 
ATOM 309 H "H1'"  . DT B 1 4 ? 1.239   -2.480  -4.298 1.00 0.00 ? 10 DT B "H1'"  1 
ATOM 310 H H3     . DT B 1 4 ? -0.628  0.571   -1.501 1.00 0.00 ? 10 DT B H3     1 
ATOM 311 H H71    . DT B 1 4 ? 2.618   3.168   -5.050 1.00 0.00 ? 10 DT B H71    1 
ATOM 312 H H72    . DT B 1 4 ? 1.044   3.857   -4.583 1.00 0.00 ? 10 DT B H72    1 
ATOM 313 H H73    . DT B 1 4 ? 2.390   3.863   -3.434 1.00 0.00 ? 10 DT B H73    1 
ATOM 314 H H6     . DT B 1 4 ? 2.315   0.667   -5.243 1.00 0.00 ? 10 DT B H6     1 
ATOM 315 P P      . DT B 1 5 ? 0.198   -4.579  -7.652 1.00 0.00 ? 11 DT B P      1 
ATOM 316 O OP1    . DT B 1 5 ? 0.368   -6.041  -7.514 1.00 0.00 ? 11 DT B OP1    1 
ATOM 317 O OP2    . DT B 1 5 ? 0.295   -4.123  -9.056 1.00 0.00 ? 11 DT B OP2    1 
ATOM 318 O "O5'"  . DT B 1 5 ? -1.192  -4.135  -7.037 1.00 0.00 ? 11 DT B "O5'"  1 
ATOM 319 C "C5'"  . DT B 1 5 ? -2.212  -5.014  -6.592 1.00 0.00 ? 11 DT B "C5'"  1 
ATOM 320 C "C4'"  . DT B 1 5 ? -3.504  -4.183  -6.423 1.00 0.00 ? 11 DT B "C4'"  1 
ATOM 321 O "O4'"  . DT B 1 5 ? -3.085  -3.031  -5.706 1.00 0.00 ? 11 DT B "O4'"  1 
ATOM 322 C "C3'"  . DT B 1 5 ? -4.058  -3.738  -7.792 1.00 0.00 ? 11 DT B "C3'"  1 
ATOM 323 O "O3'"  . DT B 1 5 ? -5.426  -3.541  -7.551 1.00 0.00 ? 11 DT B "O3'"  1 
ATOM 324 C "C2'"  . DT B 1 5 ? -3.355  -2.392  -8.034 1.00 0.00 ? 11 DT B "C2'"  1 
ATOM 325 C "C1'"  . DT B 1 5 ? -3.223  -1.936  -6.580 1.00 0.00 ? 11 DT B "C1'"  1 
ATOM 326 N N1     . DT B 1 5 ? -2.765  -0.577  -6.166 1.00 0.00 ? 11 DT B N1     1 
ATOM 327 C C2     . DT B 1 5 ? -3.254  -0.065  -4.961 1.00 0.00 ? 11 DT B C2     1 
ATOM 328 O O2     . DT B 1 5 ? -4.125  -0.614  -4.292 1.00 0.00 ? 11 DT B O2     1 
ATOM 329 N N3     . DT B 1 5 ? -2.714  1.135   -4.533 1.00 0.00 ? 11 DT B N3     1 
ATOM 330 C C4     . DT B 1 5 ? -1.730  1.850   -5.178 1.00 0.00 ? 11 DT B C4     1 
ATOM 331 O O4     . DT B 1 5 ? -1.373  2.940   -4.741 1.00 0.00 ? 11 DT B O4     1 
ATOM 332 C C5     . DT B 1 5 ? -1.161  1.184   -6.333 1.00 0.00 ? 11 DT B C5     1 
ATOM 333 C C7     . DT B 1 5 ? 0.051   1.762   -7.025 1.00 0.00 ? 11 DT B C7     1 
ATOM 334 C C6     . DT B 1 5 ? -1.696  0.037   -6.801 1.00 0.00 ? 11 DT B C6     1 
ATOM 335 H "H5'"  . DT B 1 5 ? -1.917  -5.447  -5.635 1.00 0.00 ? 11 DT B "H5'"  1 
ATOM 336 H "H5''" . DT B 1 5 ? -2.379  -5.817  -7.312 1.00 0.00 ? 11 DT B "H5''" 1 
ATOM 337 H "H4'"  . DT B 1 5 ? -4.238  -4.760  -5.871 1.00 0.00 ? 11 DT B "H4'"  1 
ATOM 338 H "H3'"  . DT B 1 5 ? -3.905  -4.547  -8.525 1.00 0.00 ? 11 DT B "H3'"  1 
ATOM 339 H "H2'"  . DT B 1 5 ? -2.443  -2.682  -8.525 1.00 0.00 ? 11 DT B "H2'"  1 
ATOM 340 H "H2''" . DT B 1 5 ? -3.708  -1.589  -8.670 1.00 0.00 ? 11 DT B "H2''" 1 
ATOM 341 H "H1'"  . DT B 1 5 ? -2.215  -2.099  -6.786 1.00 0.00 ? 11 DT B "H1'"  1 
ATOM 342 H H3     . DT B 1 5 ? -3.124  1.548   -3.697 1.00 0.00 ? 11 DT B H3     1 
ATOM 343 H H71    . DT B 1 5 ? 0.801   2.086   -6.317 1.00 0.00 ? 11 DT B H71    1 
ATOM 344 H H72    . DT B 1 5 ? 0.496   1.094   -7.762 1.00 0.00 ? 11 DT B H72    1 
ATOM 345 H H73    . DT B 1 5 ? -0.283  2.653   -7.560 1.00 0.00 ? 11 DT B H73    1 
ATOM 346 H H6     . DT B 1 5 ? -1.159  -0.476  -7.606 1.00 0.00 ? 11 DT B H6     1 
ATOM 347 P P      . DG B 1 6 ? -6.523  -3.521  -8.699 1.00 0.00 ? 12 DG B P      1 
ATOM 348 O OP1    . DG B 1 6 ? -6.837  -4.891  -9.155 1.00 0.00 ? 12 DG B OP1    1 
ATOM 349 O OP2    . DG B 1 6 ? -6.125  -2.614  -9.795 1.00 0.00 ? 12 DG B OP2    1 
ATOM 350 O "O5'"  . DG B 1 6 ? -7.762  -2.902  -7.920 1.00 0.00 ? 12 DG B "O5'"  1 
ATOM 351 C "C5'"  . DG B 1 6 ? -8.355  -3.577  -6.827 1.00 0.00 ? 12 DG B "C5'"  1 
ATOM 352 C "C4'"  . DG B 1 6 ? -9.122  -2.566  -5.966 1.00 0.00 ? 12 DG B "C4'"  1 
ATOM 353 O "O4'"  . DG B 1 6 ? -8.284  -1.844  -5.097 1.00 0.00 ? 12 DG B "O4'"  1 
ATOM 354 C "C3'"  . DG B 1 6 ? -9.929  -1.558  -6.775 1.00 0.00 ? 12 DG B "C3'"  1 
ATOM 355 O "O3'"  . DG B 1 6 ? -11.232 -1.354  -6.265 1.00 0.00 ? 12 DG B "O3'"  1 
ATOM 356 C "C2'"  . DG B 1 6 ? -9.104  -0.290  -6.751 1.00 0.00 ? 12 DG B "C2'"  1 
ATOM 357 C "C1'"  . DG B 1 6 ? -8.390  -0.473  -5.412 1.00 0.00 ? 12 DG B "C1'"  1 
ATOM 358 N N9     . DG B 1 6 ? -7.078  0.170   -5.571 1.00 0.00 ? 12 DG B N9     1 
ATOM 359 C C8     . DG B 1 6 ? -6.173  -0.137  -6.549 1.00 0.00 ? 12 DG B C8     1 
ATOM 360 N N7     . DG B 1 6 ? -5.325  0.821   -6.809 1.00 0.00 ? 12 DG B N7     1 
ATOM 361 C C5     . DG B 1 6 ? -5.651  1.809   -5.881 1.00 0.00 ? 12 DG B C5     1 
ATOM 362 C C6     . DG B 1 6 ? -5.080  3.098   -5.660 1.00 0.00 ? 12 DG B C6     1 
ATOM 363 O O6     . DG B 1 6 ? -4.120  3.612   -6.230 1.00 0.00 ? 12 DG B O6     1 
ATOM 364 N N1     . DG B 1 6 ? -5.740  3.816   -4.673 1.00 0.00 ? 12 DG B N1     1 
ATOM 365 C C2     . DG B 1 6 ? -6.813  3.340   -3.960 1.00 0.00 ? 12 DG B C2     1 
ATOM 366 N N2     . DG B 1 6 ? -7.339  4.115   -3.018 1.00 0.00 ? 12 DG B N2     1 
ATOM 367 N N3     . DG B 1 6 ? -7.355  2.134   -4.153 1.00 0.00 ? 12 DG B N3     1 
ATOM 368 C C4     . DG B 1 6 ? -6.722  1.415   -5.117 1.00 0.00 ? 12 DG B C4     1 
ATOM 369 H "H5'"  . DG B 1 6 ? -7.606  -4.065  -6.200 1.00 0.00 ? 12 DG B "H5'"  1 
ATOM 370 H "H5''" . DG B 1 6 ? -9.042  -4.331  -7.211 1.00 0.00 ? 12 DG B "H5''" 1 
ATOM 371 H "H4'"  . DG B 1 6 ? -9.822  -3.043  -5.271 1.00 0.00 ? 12 DG B "H4'"  1 
ATOM 372 H "H3'"  . DG B 1 6 ? -9.903  -1.886  -7.807 1.00 0.00 ? 12 DG B "H3'"  1 
ATOM 373 H "HO3'" . DG B 1 6 ? -11.711 -2.186  -6.311 1.00 0.00 ? 12 DG B "HO3'" 1 
ATOM 374 H "H2'"  . DG B 1 6 ? -8.431  -0.154  -7.621 1.00 0.00 ? 12 DG B "H2'"  1 
ATOM 375 H "H2''" . DG B 1 6 ? -9.765  0.567   -6.686 1.00 0.00 ? 12 DG B "H2''" 1 
ATOM 376 H "H1'"  . DG B 1 6 ? -9.022  -0.114  -4.605 1.00 0.00 ? 12 DG B "H1'"  1 
ATOM 377 H H8     . DG B 1 6 ? -6.274  -1.058  -7.112 1.00 0.00 ? 12 DG B H8     1 
ATOM 378 H H1     . DG B 1 6 ? -5.350  4.730   -4.450 1.00 0.00 ? 12 DG B H1     1 
ATOM 379 H H21    . DG B 1 6 ? -7.009  5.061   -2.870 1.00 0.00 ? 12 DG B H21    1 
ATOM 380 H H22    . DG B 1 6 ? -8.094  3.746   -2.463 1.00 0.00 ? 12 DG B H22    1 
# 
